data_2B0K
# 
_entry.id   2B0K 
# 
_audit_conform.dict_name       mmcif_pdbx.dic 
_audit_conform.dict_version    5.376 
_audit_conform.dict_location   http://mmcif.pdb.org/dictionaries/ascii/mmcif_pdbx.dic 
# 
loop_
_database_2.database_id 
_database_2.database_code 
_database_2.pdbx_database_accession 
_database_2.pdbx_DOI 
PDB   2B0K         pdb_00002b0k 10.2210/pdb2b0k/pdb 
NDB   DD0074       ?            ?                   
RCSB  RCSB034524   ?            ?                   
WWPDB D_1000034524 ?            ?                   
# 
loop_
_pdbx_database_related.db_name 
_pdbx_database_related.db_id 
_pdbx_database_related.details 
_pdbx_database_related.content_type 
NDB GDL009 'DNA PART OF NDB ENTRY GDL009' unspecified 
PDB 2DBE   'DNA PART OF PDB ENTRY 2DBE'   unspecified 
# 
_pdbx_database_status.status_code                     REL 
_pdbx_database_status.entry_id                        2B0K 
_pdbx_database_status.recvd_initial_deposition_date   2005-09-14 
_pdbx_database_status.deposit_site                    RCSB 
_pdbx_database_status.process_site                    RCSB 
_pdbx_database_status.status_code_sf                  REL 
_pdbx_database_status.status_code_mr                  ? 
_pdbx_database_status.SG_entry                        ? 
_pdbx_database_status.pdb_format_compatible           Y 
_pdbx_database_status.status_code_cs                  ? 
_pdbx_database_status.methods_development_category    ? 
_pdbx_database_status.status_code_nmr_data            ? 
# 
loop_
_audit_author.name 
_audit_author.pdbx_ordinal 
'Miao, Y.'          1 
'Lee, M.P.'         2 
'Parkinson, G.N.'   3 
'Batista-Parra, A.' 4 
'Ismail, M.A.'      5 
'Neidle, S.'        6 
'Boykin, D.W.'      7 
'Wilson, W.D.'      8 
# 
_citation.id                        primary 
_citation.title                     
'Out-of-Shape DNA Minor Groove Binders: Induced Fit Interactions of Heterocyclic Dications with the DNA Minor Groove.' 
_citation.journal_abbrev            Biochemistry 
_citation.journal_volume            44 
_citation.page_first                14701 
_citation.page_last                 14708 
_citation.year                      2005 
_citation.journal_id_ASTM           BICHAW 
_citation.country                   US 
_citation.journal_id_ISSN           0006-2960 
_citation.journal_id_CSD            0033 
_citation.book_publisher            ? 
_citation.pdbx_database_id_PubMed   16274217 
_citation.pdbx_database_id_DOI      10.1021/bi051791q 
# 
loop_
_citation_author.citation_id 
_citation_author.name 
_citation_author.ordinal 
_citation_author.identifier_ORCID 
primary 'Miao, Y.'          1 ? 
primary 'Lee, M.P.'         2 ? 
primary 'Parkinson, G.N.'   3 ? 
primary 'Batista-Parra, A.' 4 ? 
primary 'Ismail, M.A.'      5 ? 
primary 'Neidle, S.'        6 ? 
primary 'Boykin, D.W.'      7 ? 
primary 'Wilson, W.D.'      8 ? 
# 
_cell.entry_id           2B0K 
_cell.length_a           24.288 
_cell.length_b           40.068 
_cell.length_c           65.989 
_cell.angle_alpha        90.00 
_cell.angle_beta         90.00 
_cell.angle_gamma        90.00 
_cell.Z_PDB              8 
_cell.pdbx_unique_axis   ? 
# 
_symmetry.entry_id                         2B0K 
_symmetry.space_group_name_H-M             'P 21 21 21' 
_symmetry.pdbx_full_space_group_name_H-M   ? 
_symmetry.cell_setting                     ? 
_symmetry.Int_Tables_number                19 
_symmetry.space_group_name_Hall            ? 
# 
loop_
_entity.id 
_entity.type 
_entity.src_method 
_entity.pdbx_description 
_entity.formula_weight 
_entity.pdbx_number_of_molecules 
_entity.pdbx_ec 
_entity.pdbx_mutation 
_entity.pdbx_fragment 
_entity.details 
1 polymer     syn "5'-D(*CP*GP*CP*GP*AP*AP*TP*TP*CP*GP*CP*G)-3'"           3663.392 2  ? ? ? ? 
2 non-polymer syn 'MAGNESIUM ION'                                          24.305   1  ? ? ? ? 
3 non-polymer syn "2-(4'-AMIDINOBIPHENYL-4-YL)-1H-BENZIMIDAZOLE-5-AMIDINE" 354.408  1  ? ? ? ? 
4 water       nat water                                                    18.015   82 ? ? ? ? 
# 
_entity_poly.entity_id                      1 
_entity_poly.type                           polydeoxyribonucleotide 
_entity_poly.nstd_linkage                   no 
_entity_poly.nstd_monomer                   no 
_entity_poly.pdbx_seq_one_letter_code       '(DC)(DG)(DC)(DG)(DA)(DA)(DT)(DT)(DC)(DG)(DC)(DG)' 
_entity_poly.pdbx_seq_one_letter_code_can   CGCGAATTCGCG 
_entity_poly.pdbx_strand_id                 A,B 
_entity_poly.pdbx_target_identifier         ? 
# 
loop_
_entity_poly_seq.entity_id 
_entity_poly_seq.num 
_entity_poly_seq.mon_id 
_entity_poly_seq.hetero 
1 1  DC n 
1 2  DG n 
1 3  DC n 
1 4  DG n 
1 5  DA n 
1 6  DA n 
1 7  DT n 
1 8  DT n 
1 9  DC n 
1 10 DG n 
1 11 DC n 
1 12 DG n 
# 
_pdbx_entity_src_syn.entity_id              1 
_pdbx_entity_src_syn.pdbx_src_id            1 
_pdbx_entity_src_syn.pdbx_alt_source_flag   sample 
_pdbx_entity_src_syn.pdbx_beg_seq_num       ? 
_pdbx_entity_src_syn.pdbx_end_seq_num       ? 
_pdbx_entity_src_syn.organism_scientific    ? 
_pdbx_entity_src_syn.organism_common_name   ? 
_pdbx_entity_src_syn.ncbi_taxonomy_id       ? 
_pdbx_entity_src_syn.details                'AT-RICH REGION IN THE GENOME OF ORGANISMS.' 
# 
_struct_ref.id                         1 
_struct_ref.entity_id                  1 
_struct_ref.db_name                    PDB 
_struct_ref.db_code                    2B0K 
_struct_ref.pdbx_db_accession          2B0K 
_struct_ref.pdbx_db_isoform            ? 
_struct_ref.pdbx_seq_one_letter_code   ? 
_struct_ref.pdbx_align_begin           ? 
# 
loop_
_struct_ref_seq.align_id 
_struct_ref_seq.ref_id 
_struct_ref_seq.pdbx_PDB_id_code 
_struct_ref_seq.pdbx_strand_id 
_struct_ref_seq.seq_align_beg 
_struct_ref_seq.pdbx_seq_align_beg_ins_code 
_struct_ref_seq.seq_align_end 
_struct_ref_seq.pdbx_seq_align_end_ins_code 
_struct_ref_seq.pdbx_db_accession 
_struct_ref_seq.db_align_beg 
_struct_ref_seq.pdbx_db_align_beg_ins_code 
_struct_ref_seq.db_align_end 
_struct_ref_seq.pdbx_db_align_end_ins_code 
_struct_ref_seq.pdbx_auth_seq_align_beg 
_struct_ref_seq.pdbx_auth_seq_align_end 
1 1 2B0K A 1 ? 12 ? 2B0K 1  ? 12 ? 1  12 
2 1 2B0K B 1 ? 12 ? 2B0K 13 ? 24 ? 13 24 
# 
loop_
_chem_comp.id 
_chem_comp.type 
_chem_comp.mon_nstd_flag 
_chem_comp.name 
_chem_comp.pdbx_synonyms 
_chem_comp.formula 
_chem_comp.formula_weight 
D2A non-polymer   . "2-(4'-AMIDINOBIPHENYL-4-YL)-1H-BENZIMIDAZOLE-5-AMIDINE" DB921 'C21 H18 N6'      354.408 
DA  'DNA linking' y "2'-DEOXYADENOSINE-5'-MONOPHOSPHATE"                     ?     'C10 H14 N5 O6 P' 331.222 
DC  'DNA linking' y "2'-DEOXYCYTIDINE-5'-MONOPHOSPHATE"                      ?     'C9 H14 N3 O7 P'  307.197 
DG  'DNA linking' y "2'-DEOXYGUANOSINE-5'-MONOPHOSPHATE"                     ?     'C10 H14 N5 O7 P' 347.221 
DT  'DNA linking' y "THYMIDINE-5'-MONOPHOSPHATE"                             ?     'C10 H15 N2 O8 P' 322.208 
HOH non-polymer   . WATER                                                    ?     'H2 O'            18.015  
MG  non-polymer   . 'MAGNESIUM ION'                                          ?     'Mg 2'            24.305  
# 
_exptl.entry_id          2B0K 
_exptl.method            'X-RAY DIFFRACTION' 
_exptl.crystals_number   1 
# 
_exptl_crystal.id                    1 
_exptl_crystal.density_meas          ? 
_exptl_crystal.density_Matthews      2.69 
_exptl_crystal.density_percent_sol   54.27 
_exptl_crystal.description           ? 
_exptl_crystal.F_000                 ? 
_exptl_crystal.preparation           ? 
# 
_exptl_crystal_grow.crystal_id      1 
_exptl_crystal_grow.method          ? 
_exptl_crystal_grow.temp            293.0 
_exptl_crystal_grow.temp_details    ? 
_exptl_crystal_grow.pH              6.50 
_exptl_crystal_grow.pdbx_details    
'MAGNESIUM CHLORIDE, DNA, COMPOUND DB921, MPD, SODIUM CACODYLATE BUFFER, VAPOR DIFFUSION, HANGING DROP, temperature 293.0K, pH 6.50' 
_exptl_crystal_grow.pdbx_pH_range   . 
# 
loop_
_exptl_crystal_grow_comp.crystal_id 
_exptl_crystal_grow_comp.id 
_exptl_crystal_grow_comp.sol_id 
_exptl_crystal_grow_comp.name 
_exptl_crystal_grow_comp.volume 
_exptl_crystal_grow_comp.conc 
_exptl_crystal_grow_comp.details 
1 1 1 'MAGNESIUM CHLORIDE' ? ? ? 
1 2 1 DB921                ? ? ? 
1 3 1 MPD                  ? ? ? 
1 4 1 'SODIUM CACODYLATE'  ? ? ? 
1 5 1 H2O                  ? ? ? 
1 6 2 'MAGNESIUM CHLORIDE' ? ? ? 
1 7 2 DB921                ? ? ? 
1 8 2 'SODIUM CACODYLATE'  ? ? ? 
1 9 2 H2O                  ? ? ? 
# 
_diffrn.id                     1 
_diffrn.ambient_temp           105.0 
_diffrn.ambient_temp_details   ? 
_diffrn.crystal_id             1 
# 
_diffrn_detector.diffrn_id              1 
_diffrn_detector.detector               'IMAGE PLATE' 
_diffrn_detector.type                   'RIGAKU RAXIS IV' 
_diffrn_detector.pdbx_collection_date   2005-05-05 
_diffrn_detector.details                'OSMIC FOCUSING MIRROR SYSTEM' 
# 
_diffrn_radiation.diffrn_id                        1 
_diffrn_radiation.wavelength_id                    1 
_diffrn_radiation.pdbx_monochromatic_or_laue_m_l   M 
_diffrn_radiation.monochromator                    'NI FILTER' 
_diffrn_radiation.pdbx_diffrn_protocol             'SINGLE WAVELENGTH' 
_diffrn_radiation.pdbx_scattering_type             x-ray 
# 
_diffrn_radiation_wavelength.id           1 
_diffrn_radiation_wavelength.wavelength   1.54178 
_diffrn_radiation_wavelength.wt           1.0 
# 
_diffrn_source.diffrn_id                   1 
_diffrn_source.source                      'ROTATING ANODE' 
_diffrn_source.type                        'RIGAKU RU200' 
_diffrn_source.pdbx_synchrotron_site       ? 
_diffrn_source.pdbx_synchrotron_beamline   ? 
_diffrn_source.pdbx_wavelength             1.54178 
_diffrn_source.pdbx_wavelength_list        ? 
# 
_reflns.entry_id                     2B0K 
_reflns.observed_criterion_sigma_I   -2.000 
_reflns.observed_criterion_sigma_F   ? 
_reflns.d_resolution_low             25.000 
_reflns.d_resolution_high            1.640 
_reflns.number_obs                   8055 
_reflns.number_all                   ? 
_reflns.percent_possible_obs         96.6 
_reflns.pdbx_Rmerge_I_obs            0.056 
_reflns.pdbx_Rsym_value              ? 
_reflns.pdbx_netI_over_sigmaI        36.1900 
_reflns.B_iso_Wilson_estimate        ? 
_reflns.pdbx_redundancy              3.160 
_reflns.R_free_details               ? 
_reflns.pdbx_chi_squared             ? 
_reflns.pdbx_scaling_rejects         ? 
_reflns.pdbx_diffrn_id               1 
_reflns.pdbx_ordinal                 1 
# 
_reflns_shell.d_res_high             1.64 
_reflns_shell.d_res_low              1.70 
_reflns_shell.percent_possible_all   96.4 
_reflns_shell.Rmerge_I_obs           0.197 
_reflns_shell.pdbx_Rsym_value        ? 
_reflns_shell.meanI_over_sigI_obs    6.430 
_reflns_shell.pdbx_redundancy        ? 
_reflns_shell.percent_possible_obs   ? 
_reflns_shell.number_unique_all      ? 
_reflns_shell.number_measured_all    ? 
_reflns_shell.number_measured_obs    ? 
_reflns_shell.number_unique_obs      ? 
_reflns_shell.pdbx_chi_squared       ? 
_reflns_shell.pdbx_diffrn_id         ? 
_reflns_shell.pdbx_ordinal           1 
# 
_refine.entry_id                                 2B0K 
_refine.ls_number_reflns_obs                     ? 
_refine.ls_number_reflns_all                     7968 
_refine.pdbx_ls_sigma_I                          ? 
_refine.pdbx_ls_sigma_F                          2.000 
_refine.pdbx_data_cutoff_high_absF               ? 
_refine.pdbx_data_cutoff_low_absF                ? 
_refine.pdbx_data_cutoff_high_rms_absF           ? 
_refine.ls_d_res_low                             8.00 
_refine.ls_d_res_high                            1.64 
_refine.ls_percent_reflns_obs                    87.2 
_refine.ls_R_factor_obs                          0.2286 
_refine.ls_R_factor_all                          0.2307 
_refine.ls_R_factor_R_work                       ? 
_refine.ls_R_factor_R_free                       0.3002 
_refine.ls_R_factor_R_free_error                 ? 
_refine.ls_R_factor_R_free_error_details         ? 
_refine.ls_percent_reflns_R_free                 9.84 
_refine.ls_number_reflns_R_free                  784 
_refine.ls_number_parameters                     2399 
_refine.ls_number_restraints                     2543 
_refine.occupancy_min                            ? 
_refine.occupancy_max                            ? 
_refine.correlation_coeff_Fo_to_Fc               ? 
_refine.correlation_coeff_Fo_to_Fc_free          ? 
_refine.B_iso_mean                               ? 
_refine.aniso_B[1][1]                            ? 
_refine.aniso_B[2][2]                            ? 
_refine.aniso_B[3][3]                            ? 
_refine.aniso_B[1][2]                            ? 
_refine.aniso_B[1][3]                            ? 
_refine.aniso_B[2][3]                            ? 
_refine.solvent_model_details                    'MOEWS & KRETSINGER, J.MOL.BIOL.91(1973)201-228' 
_refine.solvent_model_param_ksol                 ? 
_refine.solvent_model_param_bsol                 ? 
_refine.pdbx_solvent_vdw_probe_radii             ? 
_refine.pdbx_solvent_ion_probe_radii             ? 
_refine.pdbx_solvent_shrinkage_radii             ? 
_refine.pdbx_ls_cross_valid_method               THROUGHOUT 
_refine.details                                  
;USED WEIGHTED FULL MATRIX LEAST SQUARES PROCEDURE. ANISOTROPIC SCALING APPLIED BY THE METHOD OF PARKIN, MOEZZI & HOPE, J.APPL.CRYST.28(1995)53-56
;
_refine.pdbx_starting_model                      'DNA PART OF NDB ENTRY GDL009 OR PDB ENTRY 2DBE' 
_refine.pdbx_method_to_determine_struct          'MOLECULAR REPLACEMENT' 
_refine.pdbx_isotropic_thermal_model             ? 
_refine.pdbx_stereochemistry_target_values       'ENGH & HUBER' 
_refine.pdbx_stereochem_target_val_spec_case     ? 
_refine.pdbx_R_Free_selection_details            RANDOM 
_refine.pdbx_overall_ESU_R                       ? 
_refine.pdbx_overall_ESU_R_Free                  ? 
_refine.overall_SU_ML                            ? 
_refine.overall_SU_B                             ? 
_refine.ls_redundancy_reflns_obs                 ? 
_refine.overall_SU_R_Cruickshank_DPI             ? 
_refine.overall_SU_R_free                        ? 
_refine.ls_wR_factor_R_free                      ? 
_refine.ls_wR_factor_R_work                      ? 
_refine.overall_FOM_free_R_set                   ? 
_refine.overall_FOM_work_R_set                   ? 
_refine.pdbx_refine_id                           'X-RAY DIFFRACTION' 
_refine.pdbx_diffrn_id                           1 
_refine.pdbx_TLS_residual_ADP_flag               ? 
_refine.pdbx_overall_phase_error                 ? 
_refine.pdbx_overall_SU_R_free_Cruickshank_DPI   ? 
_refine.pdbx_overall_SU_R_Blow_DPI               ? 
_refine.pdbx_overall_SU_R_free_Blow_DPI          ? 
# 
_refine_analyze.entry_id                        2B0K 
_refine_analyze.Luzzati_coordinate_error_obs    ? 
_refine_analyze.Luzzati_sigma_a_obs             ? 
_refine_analyze.Luzzati_d_res_low_obs           ? 
_refine_analyze.Luzzati_coordinate_error_free   ? 
_refine_analyze.Luzzati_sigma_a_free            ? 
_refine_analyze.Luzzati_d_res_low_free          ? 
_refine_analyze.number_disordered_residues      0 
_refine_analyze.occupancy_sum_hydrogen          0.00 
_refine_analyze.occupancy_sum_non_hydrogen      596.00 
_refine_analyze.pdbx_refine_id                  'X-RAY DIFFRACTION' 
# 
_refine_hist.pdbx_refine_id                   'X-RAY DIFFRACTION' 
_refine_hist.cycle_id                         LAST 
_refine_hist.pdbx_number_atoms_protein        0 
_refine_hist.pdbx_number_atoms_nucleic_acid   486 
_refine_hist.pdbx_number_atoms_ligand         34 
_refine_hist.number_atoms_solvent             76 
_refine_hist.number_atoms_total               596 
_refine_hist.d_res_high                       1.64 
_refine_hist.d_res_low                        8.00 
# 
loop_
_refine_ls_restr.type 
_refine_ls_restr.dev_ideal 
_refine_ls_restr.dev_ideal_target 
_refine_ls_restr.weight 
_refine_ls_restr.number 
_refine_ls_restr.pdbx_refine_id 
_refine_ls_restr.pdbx_restraint_function 
s_bond_d               0.004 ? ? ? 'X-RAY DIFFRACTION' ? 
s_angle_d              0.019 ? ? ? 'X-RAY DIFFRACTION' ? 
s_similar_dist         0.000 ? ? ? 'X-RAY DIFFRACTION' ? 
s_from_restr_planes    0.009 ? ? ? 'X-RAY DIFFRACTION' ? 
s_zero_chiral_vol      0.000 ? ? ? 'X-RAY DIFFRACTION' ? 
s_non_zero_chiral_vol  0.037 ? ? ? 'X-RAY DIFFRACTION' ? 
s_anti_bump_dis_restr  0.026 ? ? ? 'X-RAY DIFFRACTION' ? 
s_rigid_bond_adp_cmpnt 0.000 ? ? ? 'X-RAY DIFFRACTION' ? 
s_similar_adp_cmpnt    0.067 ? ? ? 'X-RAY DIFFRACTION' ? 
s_approx_iso_adps      0.000 ? ? ? 'X-RAY DIFFRACTION' ? 
# 
_pdbx_refine.entry_id                                    2B0K 
_pdbx_refine.R_factor_all_no_cutoff                      0.2307 
_pdbx_refine.R_factor_obs_no_cutoff                      0.2286 
_pdbx_refine.free_R_factor_no_cutoff                     0.3002 
_pdbx_refine.free_R_val_test_set_size_perc_no_cutoff     9.84 
_pdbx_refine.free_R_val_test_set_ct_no_cutoff            784 
_pdbx_refine.R_factor_all_4sig_cutoff                    0.2168 
_pdbx_refine.R_factor_obs_4sig_cutoff                    0.2144 
_pdbx_refine.free_R_factor_4sig_cutoff                   0.2846 
_pdbx_refine.free_R_val_test_set_size_perc_4sig_cutoff   9.84 
_pdbx_refine.free_R_val_test_set_ct_4sig_cutoff          683 
_pdbx_refine.number_reflns_obs_4sig_cutoff               6942 
_pdbx_refine.pdbx_refine_id                              'X-RAY DIFFRACTION' 
_pdbx_refine.free_R_error_no_cutoff                      ? 
# 
_struct.entry_id                  2B0K 
_struct.title                     'Crystal structure of the DB921-D(CGCGAATTCGCG)2 complex.' 
_struct.pdbx_model_details        ? 
_struct.pdbx_CASP_flag            ? 
_struct.pdbx_model_type_details   ? 
# 
_struct_keywords.entry_id        2B0K 
_struct_keywords.pdbx_keywords   DNA 
_struct_keywords.text            
;NUCLEIC ACIDS, DNA, DOUBLE HELIX, MINOR GROOVE, DNA MINOR GROOVE BINDER, DNA MINOR GROOVE-LIGAND COMPLEX, DB921, A2T2, DICKERSON AND DREW DNA, CRYSTAL STRUCTURE OF B-DNA, DNA-DRUG COMPLEX, MAGNESIUM-WATER COMPLEX, HYDRATED MAGNESIUM, DNA HYDRATION.
;
# 
loop_
_struct_asym.id 
_struct_asym.pdbx_blank_PDB_chainid_flag 
_struct_asym.pdbx_modified 
_struct_asym.entity_id 
_struct_asym.details 
A N N 1 ? 
B N N 1 ? 
C N N 2 ? 
D N N 3 ? 
E N N 4 ? 
F N N 4 ? 
# 
_struct_biol.id                    1 
_struct_biol.details               ? 
_struct_biol.pdbx_parent_biol_id   ? 
# 
loop_
_struct_conn.id 
_struct_conn.conn_type_id 
_struct_conn.pdbx_leaving_atom_flag 
_struct_conn.pdbx_PDB_id 
_struct_conn.ptnr1_label_asym_id 
_struct_conn.ptnr1_label_comp_id 
_struct_conn.ptnr1_label_seq_id 
_struct_conn.ptnr1_label_atom_id 
_struct_conn.pdbx_ptnr1_label_alt_id 
_struct_conn.pdbx_ptnr1_PDB_ins_code 
_struct_conn.pdbx_ptnr1_standard_comp_id 
_struct_conn.ptnr1_symmetry 
_struct_conn.ptnr2_label_asym_id 
_struct_conn.ptnr2_label_comp_id 
_struct_conn.ptnr2_label_seq_id 
_struct_conn.ptnr2_label_atom_id 
_struct_conn.pdbx_ptnr2_label_alt_id 
_struct_conn.pdbx_ptnr2_PDB_ins_code 
_struct_conn.ptnr1_auth_asym_id 
_struct_conn.ptnr1_auth_comp_id 
_struct_conn.ptnr1_auth_seq_id 
_struct_conn.ptnr2_auth_asym_id 
_struct_conn.ptnr2_auth_comp_id 
_struct_conn.ptnr2_auth_seq_id 
_struct_conn.ptnr2_symmetry 
_struct_conn.pdbx_ptnr3_label_atom_id 
_struct_conn.pdbx_ptnr3_label_seq_id 
_struct_conn.pdbx_ptnr3_label_comp_id 
_struct_conn.pdbx_ptnr3_label_asym_id 
_struct_conn.pdbx_ptnr3_label_alt_id 
_struct_conn.pdbx_ptnr3_PDB_ins_code 
_struct_conn.details 
_struct_conn.pdbx_dist_value 
_struct_conn.pdbx_value_order 
_struct_conn.pdbx_role 
metalc1  metalc ? ? C MG .  MG ? ? ? 1_555 E HOH .  O  ? ? A MG 26 A HOH 104 1_555 ? ? ? ? ? ? ?            2.126 ? ? 
metalc2  metalc ? ? C MG .  MG ? ? ? 1_555 E HOH .  O  ? ? A MG 26 A HOH 105 1_555 ? ? ? ? ? ? ?            2.125 ? ? 
metalc3  metalc ? ? C MG .  MG ? ? ? 1_555 E HOH .  O  ? ? A MG 26 A HOH 108 1_555 ? ? ? ? ? ? ?            2.125 ? ? 
metalc4  metalc ? ? C MG .  MG ? ? ? 1_555 F HOH .  O  ? ? A MG 26 B HOH 103 1_555 ? ? ? ? ? ? ?            2.124 ? ? 
metalc5  metalc ? ? C MG .  MG ? ? ? 1_555 F HOH .  O  ? ? A MG 26 B HOH 106 1_555 ? ? ? ? ? ? ?            2.125 ? ? 
metalc6  metalc ? ? C MG .  MG ? ? ? 1_555 F HOH .  O  ? ? A MG 26 B HOH 107 1_555 ? ? ? ? ? ? ?            2.125 ? ? 
hydrog1  hydrog ? ? A DC 1  N3 ? ? ? 1_555 B DG  12 N1 ? ? A DC 1  B DG  24  1_555 ? ? ? ? ? ? WATSON-CRICK ?     ? ? 
hydrog2  hydrog ? ? A DC 1  N4 ? ? ? 1_555 B DG  12 O6 ? ? A DC 1  B DG  24  1_555 ? ? ? ? ? ? WATSON-CRICK ?     ? ? 
hydrog3  hydrog ? ? A DC 1  O2 ? ? ? 1_555 B DG  12 N2 ? ? A DC 1  B DG  24  1_555 ? ? ? ? ? ? WATSON-CRICK ?     ? ? 
hydrog4  hydrog ? ? A DG 2  N1 ? ? ? 1_555 B DC  11 N3 ? ? A DG 2  B DC  23  1_555 ? ? ? ? ? ? WATSON-CRICK ?     ? ? 
hydrog5  hydrog ? ? A DG 2  N2 ? ? ? 1_555 B DC  11 O2 ? ? A DG 2  B DC  23  1_555 ? ? ? ? ? ? WATSON-CRICK ?     ? ? 
hydrog6  hydrog ? ? A DG 2  O6 ? ? ? 1_555 B DC  11 N4 ? ? A DG 2  B DC  23  1_555 ? ? ? ? ? ? WATSON-CRICK ?     ? ? 
hydrog7  hydrog ? ? A DC 3  N3 ? ? ? 1_555 B DG  10 N1 ? ? A DC 3  B DG  22  1_555 ? ? ? ? ? ? WATSON-CRICK ?     ? ? 
hydrog8  hydrog ? ? A DC 3  N4 ? ? ? 1_555 B DG  10 O6 ? ? A DC 3  B DG  22  1_555 ? ? ? ? ? ? WATSON-CRICK ?     ? ? 
hydrog9  hydrog ? ? A DC 3  O2 ? ? ? 1_555 B DG  10 N2 ? ? A DC 3  B DG  22  1_555 ? ? ? ? ? ? WATSON-CRICK ?     ? ? 
hydrog10 hydrog ? ? A DG 4  N1 ? ? ? 1_555 B DC  9  N3 ? ? A DG 4  B DC  21  1_555 ? ? ? ? ? ? WATSON-CRICK ?     ? ? 
hydrog11 hydrog ? ? A DG 4  N2 ? ? ? 1_555 B DC  9  O2 ? ? A DG 4  B DC  21  1_555 ? ? ? ? ? ? WATSON-CRICK ?     ? ? 
hydrog12 hydrog ? ? A DG 4  O6 ? ? ? 1_555 B DC  9  N4 ? ? A DG 4  B DC  21  1_555 ? ? ? ? ? ? WATSON-CRICK ?     ? ? 
hydrog13 hydrog ? ? A DA 5  N1 ? ? ? 1_555 B DT  8  N3 ? ? A DA 5  B DT  20  1_555 ? ? ? ? ? ? WATSON-CRICK ?     ? ? 
hydrog14 hydrog ? ? A DA 5  N6 ? ? ? 1_555 B DT  8  O4 ? ? A DA 5  B DT  20  1_555 ? ? ? ? ? ? WATSON-CRICK ?     ? ? 
hydrog15 hydrog ? ? A DA 6  N1 ? ? ? 1_555 B DT  7  N3 ? ? A DA 6  B DT  19  1_555 ? ? ? ? ? ? WATSON-CRICK ?     ? ? 
hydrog16 hydrog ? ? A DA 6  N6 ? ? ? 1_555 B DT  7  O4 ? ? A DA 6  B DT  19  1_555 ? ? ? ? ? ? WATSON-CRICK ?     ? ? 
hydrog17 hydrog ? ? A DT 7  N3 ? ? ? 1_555 B DA  6  N1 ? ? A DT 7  B DA  18  1_555 ? ? ? ? ? ? WATSON-CRICK ?     ? ? 
hydrog18 hydrog ? ? A DT 7  O4 ? ? ? 1_555 B DA  6  N6 ? ? A DT 7  B DA  18  1_555 ? ? ? ? ? ? WATSON-CRICK ?     ? ? 
hydrog19 hydrog ? ? A DT 8  N3 ? ? ? 1_555 B DA  5  N1 ? ? A DT 8  B DA  17  1_555 ? ? ? ? ? ? WATSON-CRICK ?     ? ? 
hydrog20 hydrog ? ? A DT 8  O4 ? ? ? 1_555 B DA  5  N6 ? ? A DT 8  B DA  17  1_555 ? ? ? ? ? ? WATSON-CRICK ?     ? ? 
hydrog21 hydrog ? ? A DC 9  N3 ? ? ? 1_555 B DG  4  N1 ? ? A DC 9  B DG  16  1_555 ? ? ? ? ? ? WATSON-CRICK ?     ? ? 
hydrog22 hydrog ? ? A DC 9  N4 ? ? ? 1_555 B DG  4  O6 ? ? A DC 9  B DG  16  1_555 ? ? ? ? ? ? WATSON-CRICK ?     ? ? 
hydrog23 hydrog ? ? A DC 9  O2 ? ? ? 1_555 B DG  4  N2 ? ? A DC 9  B DG  16  1_555 ? ? ? ? ? ? WATSON-CRICK ?     ? ? 
hydrog24 hydrog ? ? A DG 10 N1 ? ? ? 1_555 B DC  3  N3 ? ? A DG 10 B DC  15  1_555 ? ? ? ? ? ? WATSON-CRICK ?     ? ? 
hydrog25 hydrog ? ? A DG 10 N2 ? ? ? 1_555 B DC  3  O2 ? ? A DG 10 B DC  15  1_555 ? ? ? ? ? ? WATSON-CRICK ?     ? ? 
hydrog26 hydrog ? ? A DG 10 O6 ? ? ? 1_555 B DC  3  N4 ? ? A DG 10 B DC  15  1_555 ? ? ? ? ? ? WATSON-CRICK ?     ? ? 
hydrog27 hydrog ? ? A DC 11 N3 ? ? ? 1_555 B DG  2  N1 ? ? A DC 11 B DG  14  1_555 ? ? ? ? ? ? WATSON-CRICK ?     ? ? 
hydrog28 hydrog ? ? A DC 11 N4 ? ? ? 1_555 B DG  2  O6 ? ? A DC 11 B DG  14  1_555 ? ? ? ? ? ? WATSON-CRICK ?     ? ? 
hydrog29 hydrog ? ? A DC 11 O2 ? ? ? 1_555 B DG  2  N2 ? ? A DC 11 B DG  14  1_555 ? ? ? ? ? ? WATSON-CRICK ?     ? ? 
hydrog30 hydrog ? ? A DG 12 N1 ? ? ? 1_555 B DC  1  N3 ? ? A DG 12 B DC  13  1_555 ? ? ? ? ? ? WATSON-CRICK ?     ? ? 
hydrog31 hydrog ? ? A DG 12 N2 ? ? ? 1_555 B DC  1  O2 ? ? A DG 12 B DC  13  1_555 ? ? ? ? ? ? WATSON-CRICK ?     ? ? 
hydrog32 hydrog ? ? A DG 12 O6 ? ? ? 1_555 B DC  1  N4 ? ? A DG 12 B DC  13  1_555 ? ? ? ? ? ? WATSON-CRICK ?     ? ? 
# 
loop_
_struct_conn_type.id 
_struct_conn_type.criteria 
_struct_conn_type.reference 
metalc ? ? 
hydrog ? ? 
# 
loop_
_struct_site.id 
_struct_site.pdbx_evidence_code 
_struct_site.pdbx_auth_asym_id 
_struct_site.pdbx_auth_comp_id 
_struct_site.pdbx_auth_seq_id 
_struct_site.pdbx_auth_ins_code 
_struct_site.pdbx_num_residues 
_struct_site.details 
AC1 Software A MG  26 ? 6 'BINDING SITE FOR RESIDUE MG A 26'  
AC2 Software A D2A 25 ? 8 'BINDING SITE FOR RESIDUE D2A A 25' 
1   ?        ? ?   ?  ? ? ?                                   
# 
loop_
_struct_site_gen.id 
_struct_site_gen.site_id 
_struct_site_gen.pdbx_num_res 
_struct_site_gen.label_comp_id 
_struct_site_gen.label_asym_id 
_struct_site_gen.label_seq_id 
_struct_site_gen.pdbx_auth_ins_code 
_struct_site_gen.auth_comp_id 
_struct_site_gen.auth_asym_id 
_struct_site_gen.auth_seq_id 
_struct_site_gen.label_atom_id 
_struct_site_gen.label_alt_id 
_struct_site_gen.symmetry 
_struct_site_gen.details 
1  AC1 6 HOH E . ? HOH A 104 . ? 1_555 ? 
2  AC1 6 HOH E . ? HOH A 105 . ? 1_555 ? 
3  AC1 6 HOH E . ? HOH A 108 . ? 1_555 ? 
4  AC1 6 HOH F . ? HOH B 103 . ? 1_555 ? 
5  AC1 6 HOH F . ? HOH B 106 . ? 1_555 ? 
6  AC1 6 HOH F . ? HOH B 107 . ? 1_555 ? 
7  AC2 8 DA  A 6 ? DA  A 6   . ? 1_555 ? 
8  AC2 8 DT  A 7 ? DT  A 7   . ? 1_555 ? 
9  AC2 8 DT  A 8 ? DT  A 8   . ? 1_555 ? 
10 AC2 8 DC  A 9 ? DC  A 9   . ? 1_555 ? 
11 AC2 8 DA  B 6 ? DA  B 18  . ? 1_555 ? 
12 AC2 8 DT  B 7 ? DT  B 19  . ? 1_555 ? 
13 AC2 8 DT  B 8 ? DT  B 20  . ? 1_555 ? 
14 AC2 8 DC  B 9 ? DC  B 21  . ? 1_555 ? 
# 
_atom_sites.entry_id                    2B0K 
_atom_sites.fract_transf_matrix[1][1]   0.00369000 
_atom_sites.fract_transf_matrix[1][2]   0.02043688 
_atom_sites.fract_transf_matrix[1][3]   0.03555185 
_atom_sites.fract_transf_matrix[2][1]   0.01068606 
_atom_sites.fract_transf_matrix[2][2]   0.01905702 
_atom_sites.fract_transf_matrix[2][3]   -0.01206400 
_atom_sites.fract_transf_matrix[3][1]   -0.01362719 
_atom_sites.fract_transf_matrix[3][2]   0.00625902 
_atom_sites.fract_transf_matrix[3][3]   -0.00218358 
_atom_sites.fract_transf_vector[1]      0.577867 
_atom_sites.fract_transf_vector[2]      0.517908 
_atom_sites.fract_transf_vector[3]      0.141055 
# 
loop_
_atom_type.symbol 
C  
MG 
N  
O  
P  
# 
loop_
_atom_site.group_PDB 
_atom_site.id 
_atom_site.type_symbol 
_atom_site.label_atom_id 
_atom_site.label_alt_id 
_atom_site.label_comp_id 
_atom_site.label_asym_id 
_atom_site.label_entity_id 
_atom_site.label_seq_id 
_atom_site.pdbx_PDB_ins_code 
_atom_site.Cartn_x 
_atom_site.Cartn_y 
_atom_site.Cartn_z 
_atom_site.occupancy 
_atom_site.B_iso_or_equiv 
_atom_site.pdbx_formal_charge 
_atom_site.auth_seq_id 
_atom_site.auth_comp_id 
_atom_site.auth_asym_id 
_atom_site.auth_atom_id 
_atom_site.pdbx_PDB_model_num 
ATOM   1   O  "O5'" . DC  A 1 1  ? -6.918  19.272  -3.772  1.00 25.23 ? 1   DC  A "O5'" 1 
ATOM   2   C  "C5'" . DC  A 1 1  ? -7.620  18.047  -4.011  1.00 21.50 ? 1   DC  A "C5'" 1 
ATOM   3   C  "C4'" . DC  A 1 1  ? -8.255  17.561  -2.728  1.00 24.57 ? 1   DC  A "C4'" 1 
ATOM   4   O  "O4'" . DC  A 1 1  ? -9.341  16.657  -3.039  1.00 18.50 ? 1   DC  A "O4'" 1 
ATOM   5   C  "C3'" . DC  A 1 1  ? -7.317  16.795  -1.805  1.00 21.77 ? 1   DC  A "C3'" 1 
ATOM   6   O  "O3'" . DC  A 1 1  ? -7.549  17.166  -0.445  1.00 24.11 ? 1   DC  A "O3'" 1 
ATOM   7   C  "C2'" . DC  A 1 1  ? -7.679  15.347  -2.046  1.00 16.51 ? 1   DC  A "C2'" 1 
ATOM   8   C  "C1'" . DC  A 1 1  ? -9.171  15.443  -2.315  1.00 16.18 ? 1   DC  A "C1'" 1 
ATOM   9   N  N1    . DC  A 1 1  ? -9.738  14.366  -3.133  1.00 21.65 ? 1   DC  A N1    1 
ATOM   10  C  C2    . DC  A 1 1  ? -10.892 13.727  -2.668  1.00 21.88 ? 1   DC  A C2    1 
ATOM   11  O  O2    . DC  A 1 1  ? -11.378 14.097  -1.588  1.00 24.60 ? 1   DC  A O2    1 
ATOM   12  N  N3    . DC  A 1 1  ? -11.438 12.732  -3.404  1.00 19.46 ? 1   DC  A N3    1 
ATOM   13  C  C4    . DC  A 1 1  ? -10.876 12.373  -4.560  1.00 20.36 ? 1   DC  A C4    1 
ATOM   14  N  N4    . DC  A 1 1  ? -11.449 11.385  -5.254  1.00 20.08 ? 1   DC  A N4    1 
ATOM   15  C  C5    . DC  A 1 1  ? -9.702  13.009  -5.056  1.00 19.46 ? 1   DC  A C5    1 
ATOM   16  C  C6    . DC  A 1 1  ? -9.172  13.992  -4.318  1.00 21.84 ? 1   DC  A C6    1 
ATOM   17  P  P     . DG  A 1 2  ? -6.434  16.891  0.676   1.00 26.29 ? 2   DG  A P     1 
ATOM   18  O  OP1   . DG  A 1 2  ? -6.426  18.051  1.603   1.00 38.43 ? 2   DG  A OP1   1 
ATOM   19  O  OP2   . DG  A 1 2  ? -5.182  16.490  -0.010  1.00 21.11 ? 2   DG  A OP2   1 
ATOM   20  O  "O5'" . DG  A 1 2  ? -6.994  15.627  1.469   1.00 17.93 ? 2   DG  A "O5'" 1 
ATOM   21  C  "C5'" . DG  A 1 2  ? -8.295  15.659  2.068   1.00 16.94 ? 2   DG  A "C5'" 1 
ATOM   22  C  "C4'" . DG  A 1 2  ? -8.492  14.447  2.947   1.00 15.33 ? 2   DG  A "C4'" 1 
ATOM   23  O  "O4'" . DG  A 1 2  ? -9.137  13.396  2.194   1.00 19.39 ? 2   DG  A "O4'" 1 
ATOM   24  C  "C3'" . DG  A 1 2  ? -7.207  13.831  3.490   1.00 20.11 ? 2   DG  A "C3'" 1 
ATOM   25  O  "O3'" . DG  A 1 2  ? -7.432  13.321  4.804   1.00 24.50 ? 2   DG  A "O3'" 1 
ATOM   26  C  "C2'" . DG  A 1 2  ? -6.903  12.726  2.507   1.00 18.50 ? 2   DG  A "C2'" 1 
ATOM   27  C  "C1'" . DG  A 1 2  ? -8.286  12.260  2.095   1.00 18.88 ? 2   DG  A "C1'" 1 
ATOM   28  N  N9    . DG  A 1 2  ? -8.403  11.761  0.715   1.00 15.33 ? 2   DG  A N9    1 
ATOM   29  C  C8    . DG  A 1 2  ? -7.628  12.040  -0.383  1.00 15.15 ? 2   DG  A C8    1 
ATOM   30  N  N7    . DG  A 1 2  ? -8.019  11.417  -1.463  1.00 17.59 ? 2   DG  A N7    1 
ATOM   31  C  C5    . DG  A 1 2  ? -9.121  10.679  -1.058  1.00 15.63 ? 2   DG  A C5    1 
ATOM   32  C  C6    . DG  A 1 2  ? -9.972  9.803   -1.782  1.00 18.83 ? 2   DG  A C6    1 
ATOM   33  O  O6    . DG  A 1 2  ? -9.924  9.487   -2.977  1.00 15.39 ? 2   DG  A O6    1 
ATOM   34  N  N1    . DG  A 1 2  ? -10.968 9.266   -0.970  1.00 17.20 ? 2   DG  A N1    1 
ATOM   35  C  C2    . DG  A 1 2  ? -11.130 9.536   0.366   1.00 17.27 ? 2   DG  A C2    1 
ATOM   36  N  N2    . DG  A 1 2  ? -12.149 8.923   0.984   1.00 11.81 ? 2   DG  A N2    1 
ATOM   37  N  N3    . DG  A 1 2  ? -10.344 10.350  1.052   1.00 19.08 ? 2   DG  A N3    1 
ATOM   38  C  C4    . DG  A 1 2  ? -9.371  10.879  0.282   1.00 16.01 ? 2   DG  A C4    1 
ATOM   39  P  P     . DC  A 1 3  ? -6.229  12.756  5.702   1.00 27.43 ? 3   DC  A P     1 
ATOM   40  O  OP1   . DC  A 1 3  ? -6.235  13.496  6.990   1.00 33.21 ? 3   DC  A OP1   1 
ATOM   41  O  OP2   . DC  A 1 3  ? -5.004  12.730  4.868   1.00 25.80 ? 3   DC  A OP2   1 
ATOM   42  O  "O5'" . DC  A 1 3  ? -6.665  11.250  6.000   1.00 26.57 ? 3   DC  A "O5'" 1 
ATOM   43  C  "C5'" . DC  A 1 3  ? -7.941  10.973  6.591   1.00 21.04 ? 3   DC  A "C5'" 1 
ATOM   44  C  "C4'" . DC  A 1 3  ? -8.478  9.656   6.091   1.00 19.77 ? 3   DC  A "C4'" 1 
ATOM   45  O  "O4'" . DC  A 1 3  ? -8.649  9.692   4.656   1.00 22.49 ? 3   DC  A "O4'" 1 
ATOM   46  C  "C3'" . DC  A 1 3  ? -7.568  8.459   6.333   1.00 29.87 ? 3   DC  A "C3'" 1 
ATOM   47  O  "O3'" . DC  A 1 3  ? -7.863  7.863   7.599   1.00 28.69 ? 3   DC  A "O3'" 1 
ATOM   48  C  "C2'" . DC  A 1 3  ? -7.878  7.519   5.198   1.00 29.39 ? 3   DC  A "C2'" 1 
ATOM   49  C  "C1'" . DC  A 1 3  ? -8.583  8.362   4.155   1.00 21.94 ? 3   DC  A "C1'" 1 
ATOM   50  N  N1    . DC  A 1 3  ? -7.892  8.411   2.858   1.00 20.80 ? 3   DC  A N1    1 
ATOM   51  C  C2    . DC  A 1 3  ? -8.426  7.688   1.791   1.00 17.50 ? 3   DC  A C2    1 
ATOM   52  O  O2    . DC  A 1 3  ? -9.461  7.028   1.963   1.00 15.56 ? 3   DC  A O2    1 
ATOM   53  N  N3    . DC  A 1 3  ? -7.800  7.723   0.590   1.00 16.09 ? 3   DC  A N3    1 
ATOM   54  C  C4    . DC  A 1 3  ? -6.687  8.444   0.439   1.00 19.31 ? 3   DC  A C4    1 
ATOM   55  N  N4    . DC  A 1 3  ? -6.102  8.451   -0.763  1.00 22.04 ? 3   DC  A N4    1 
ATOM   56  C  C5    . DC  A 1 3  ? -6.121  9.189   1.514   1.00 18.20 ? 3   DC  A C5    1 
ATOM   57  C  C6    . DC  A 1 3  ? -6.751  9.145   2.695   1.00 19.78 ? 3   DC  A C6    1 
ATOM   58  P  P     . DG  A 1 4  ? -6.904  6.712   8.180   1.00 28.09 ? 4   DG  A P     1 
ATOM   59  O  OP1   . DG  A 1 4  ? -7.002  6.743   9.661   1.00 38.87 ? 4   DG  A OP1   1 
ATOM   60  O  OP2   . DG  A 1 4  ? -5.580  6.847   7.527   1.00 24.25 ? 4   DG  A OP2   1 
ATOM   61  O  "O5'" . DG  A 1 4  ? -7.582  5.365   7.667   1.00 21.05 ? 4   DG  A "O5'" 1 
ATOM   62  C  "C5'" . DG  A 1 4  ? -8.990  5.145   7.813   1.00 19.96 ? 4   DG  A "C5'" 1 
ATOM   63  C  "C4'" . DG  A 1 4  ? -9.391  3.891   7.073   1.00 22.19 ? 4   DG  A "C4'" 1 
ATOM   64  O  "O4'" . DG  A 1 4  ? -9.180  4.080   5.657   1.00 21.45 ? 4   DG  A "O4'" 1 
ATOM   65  C  "C3'" . DG  A 1 4  ? -8.588  2.655   7.455   1.00 29.05 ? 4   DG  A "C3'" 1 
ATOM   66  O  "O3'" . DG  A 1 4  ? -9.426  1.497   7.463   1.00 31.83 ? 4   DG  A "O3'" 1 
ATOM   67  C  "C2'" . DG  A 1 4  ? -7.532  2.564   6.382   1.00 24.77 ? 4   DG  A "C2'" 1 
ATOM   68  C  "C1'" . DG  A 1 4  ? -8.238  3.137   5.166   1.00 21.09 ? 4   DG  A "C1'" 1 
ATOM   69  N  N9    . DG  A 1 4  ? -7.351  3.841   4.227   1.00 22.55 ? 4   DG  A N9    1 
ATOM   70  C  C8    . DG  A 1 4  ? -6.304  4.685   4.509   1.00 18.04 ? 4   DG  A C8    1 
ATOM   71  N  N7    . DG  A 1 4  ? -5.716  5.149   3.440   1.00 24.14 ? 4   DG  A N7    1 
ATOM   72  C  C5    . DG  A 1 4  ? -6.416  4.578   2.386   1.00 18.39 ? 4   DG  A C5    1 
ATOM   73  C  C6    . DG  A 1 4  ? -6.241  4.707   0.985   1.00 21.02 ? 4   DG  A C6    1 
ATOM   74  O  O6    . DG  A 1 4  ? -5.402  5.378   0.371   1.00 23.40 ? 4   DG  A O6    1 
ATOM   75  N  N1    . DG  A 1 4  ? -7.175  3.953   0.280   1.00 23.98 ? 4   DG  A N1    1 
ATOM   76  C  C2    . DG  A 1 4  ? -8.151  3.173   0.848   1.00 21.73 ? 4   DG  A C2    1 
ATOM   77  N  N2    . DG  A 1 4  ? -8.958  2.517   0.001   1.00 21.51 ? 4   DG  A N2    1 
ATOM   78  N  N3    . DG  A 1 4  ? -8.325  3.043   2.154   1.00 16.17 ? 4   DG  A N3    1 
ATOM   79  C  C4    . DG  A 1 4  ? -7.429  3.769   2.855   1.00 25.39 ? 4   DG  A C4    1 
ATOM   80  P  P     . DA  A 1 5  ? -8.799  0.063   7.832   1.00 35.93 ? 5   DA  A P     1 
ATOM   81  O  OP1   . DA  A 1 5  ? -9.691  -0.577  8.830   1.00 29.46 ? 5   DA  A OP1   1 
ATOM   82  O  OP2   . DA  A 1 5  ? -7.360  0.259   8.136   1.00 27.33 ? 5   DA  A OP2   1 
ATOM   83  O  "O5'" . DA  A 1 5  ? -8.912  -0.756  6.468   1.00 28.01 ? 5   DA  A "O5'" 1 
ATOM   84  C  "C5'" . DA  A 1 5  ? -10.106 -0.689  5.680   1.00 19.56 ? 5   DA  A "C5'" 1 
ATOM   85  C  "C4'" . DA  A 1 5  ? -9.878  -1.321  4.328   1.00 15.90 ? 5   DA  A "C4'" 1 
ATOM   86  O  "O4'" . DA  A 1 5  ? -9.044  -0.462  3.520   1.00 19.85 ? 5   DA  A "O4'" 1 
ATOM   87  C  "C3'" . DA  A 1 5  ? -9.185  -2.679  4.367   1.00 15.09 ? 5   DA  A "C3'" 1 
ATOM   88  O  "O3'" . DA  A 1 5  ? -9.856  -3.589  3.495   1.00 20.21 ? 5   DA  A "O3'" 1 
ATOM   89  C  "C2'" . DA  A 1 5  ? -7.778  -2.400  3.904   1.00 24.44 ? 5   DA  A "C2'" 1 
ATOM   90  C  "C1'" . DA  A 1 5  ? -7.934  -1.188  3.008   1.00 21.23 ? 5   DA  A "C1'" 1 
ATOM   91  N  N9    . DA  A 1 5  ? -6.790  -0.269  3.005   1.00 16.61 ? 5   DA  A N9    1 
ATOM   92  C  C8    . DA  A 1 5  ? -6.076  0.180   4.089   1.00 24.10 ? 5   DA  A C8    1 
ATOM   93  N  N7    . DA  A 1 5  ? -5.103  1.000   3.774   1.00 24.39 ? 5   DA  A N7    1 
ATOM   94  C  C5    . DA  A 1 5  ? -5.181  1.098   2.392   1.00 16.78 ? 5   DA  A C5    1 
ATOM   95  C  C6    . DA  A 1 5  ? -4.423  1.816   1.451   1.00 15.94 ? 5   DA  A C6    1 
ATOM   96  N  N6    . DA  A 1 5  ? -3.395  2.605   1.776   1.00 21.20 ? 5   DA  A N6    1 
ATOM   97  N  N1    . DA  A 1 5  ? -4.761  1.696   0.148   1.00 19.67 ? 5   DA  A N1    1 
ATOM   98  C  C2    . DA  A 1 5  ? -5.793  0.904   -0.174  1.00 20.92 ? 5   DA  A C2    1 
ATOM   99  N  N3    . DA  A 1 5  ? -6.580  0.180   0.619   1.00 17.58 ? 5   DA  A N3    1 
ATOM   100 C  C4    . DA  A 1 5  ? -6.217  0.321   1.905   1.00 18.51 ? 5   DA  A C4    1 
ATOM   101 P  P     . DA  A 1 6  ? -9.311  -5.077  3.249   1.00 20.72 ? 6   DA  A P     1 
ATOM   102 O  OP1   . DA  A 1 6  ? -10.457 -5.902  2.779   1.00 21.57 ? 6   DA  A OP1   1 
ATOM   103 O  OP2   . DA  A 1 6  ? -8.545  -5.498  4.447   1.00 19.67 ? 6   DA  A OP2   1 
ATOM   104 O  "O5'" . DA  A 1 6  ? -8.293  -4.916  2.034   1.00 19.33 ? 6   DA  A "O5'" 1 
ATOM   105 C  "C5'" . DA  A 1 6  ? -8.764  -4.543  0.734   1.00 16.64 ? 6   DA  A "C5'" 1 
ATOM   106 C  "C4'" . DA  A 1 6  ? -7.606  -4.509  -0.237  1.00 21.89 ? 6   DA  A "C4'" 1 
ATOM   107 O  "O4'" . DA  A 1 6  ? -6.727  -3.415  0.102   1.00 25.64 ? 6   DA  A "O4'" 1 
ATOM   108 C  "C3'" . DA  A 1 6  ? -6.751  -5.772  -0.239  1.00 13.49 ? 6   DA  A "C3'" 1 
ATOM   109 O  "O3'" . DA  A 1 6  ? -6.794  -6.370  -1.536  1.00 17.32 ? 6   DA  A "O3'" 1 
ATOM   110 C  "C2'" . DA  A 1 6  ? -5.362  -5.319  0.127   1.00 15.61 ? 6   DA  A "C2'" 1 
ATOM   111 C  "C1'" . DA  A 1 6  ? -5.378  -3.822  -0.107  1.00 21.66 ? 6   DA  A "C1'" 1 
ATOM   112 N  N9    . DA  A 1 6  ? -4.555  -3.026  0.812   1.00 14.70 ? 6   DA  A N9    1 
ATOM   113 C  C8    . DA  A 1 6  ? -4.533  -3.083  2.183   1.00 20.61 ? 6   DA  A C8    1 
ATOM   114 N  N7    . DA  A 1 6  ? -3.690  -2.243  2.733   1.00 16.33 ? 6   DA  A N7    1 
ATOM   115 C  C5    . DA  A 1 6  ? -3.121  -1.585  1.650   1.00 19.55 ? 6   DA  A C5    1 
ATOM   116 C  C6    . DA  A 1 6  ? -2.150  -0.572  1.563   1.00 21.44 ? 6   DA  A C6    1 
ATOM   117 N  N6    . DA  A 1 6  ? -1.556  -0.022  2.624   1.00 14.61 ? 6   DA  A N6    1 
ATOM   118 N  N1    . DA  A 1 6  ? -1.804  -0.137  0.331   1.00 25.38 ? 6   DA  A N1    1 
ATOM   119 C  C2    . DA  A 1 6  ? -2.399  -0.691  -0.734  1.00 21.23 ? 6   DA  A C2    1 
ATOM   120 N  N3    . DA  A 1 6  ? -3.323  -1.647  -0.779  1.00 16.18 ? 6   DA  A N3    1 
ATOM   121 C  C4    . DA  A 1 6  ? -3.645  -2.058  0.460   1.00 16.09 ? 6   DA  A C4    1 
ATOM   122 P  P     . DT  A 1 7  ? -5.974  -7.699  -1.891  1.00 19.53 ? 7   DT  A P     1 
ATOM   123 O  OP1   . DT  A 1 7  ? -6.704  -8.410  -2.974  1.00 22.93 ? 7   DT  A OP1   1 
ATOM   124 O  OP2   . DT  A 1 7  ? -5.653  -8.407  -0.630  1.00 21.16 ? 7   DT  A OP2   1 
ATOM   125 O  "O5'" . DT  A 1 7  ? -4.611  -7.138  -2.509  1.00 17.01 ? 7   DT  A "O5'" 1 
ATOM   126 C  "C5'" . DT  A 1 7  ? -4.659  -6.072  -3.465  1.00 16.51 ? 7   DT  A "C5'" 1 
ATOM   127 C  "C4'" . DT  A 1 7  ? -3.291  -5.466  -3.640  1.00 26.87 ? 7   DT  A "C4'" 1 
ATOM   128 O  "O4'" . DT  A 1 7  ? -2.910  -4.728  -2.455  1.00 20.81 ? 7   DT  A "O4'" 1 
ATOM   129 C  "C3'" . DT  A 1 7  ? -2.168  -6.475  -3.870  1.00 21.30 ? 7   DT  A "C3'" 1 
ATOM   130 O  "O3'" . DT  A 1 7  ? -1.727  -6.386  -5.227  1.00 22.49 ? 7   DT  A "O3'" 1 
ATOM   131 C  "C2'" . DT  A 1 7  ? -1.078  -6.090  -2.902  1.00 16.33 ? 7   DT  A "C2'" 1 
ATOM   132 C  "C1'" . DT  A 1 7  ? -1.481  -4.711  -2.423  1.00 22.89 ? 7   DT  A "C1'" 1 
ATOM   133 N  N1    . DT  A 1 7  ? -1.083  -4.343  -1.060  1.00 14.59 ? 7   DT  A N1    1 
ATOM   134 C  C2    . DT  A 1 7  ? -0.197  -3.298  -0.905  1.00 18.18 ? 7   DT  A C2    1 
ATOM   135 O  O2    . DT  A 1 7  ? 0.265   -2.678  -1.848  1.00 24.82 ? 7   DT  A O2    1 
ATOM   136 N  N3    . DT  A 1 7  ? 0.130   -3.003  0.396   1.00 20.07 ? 7   DT  A N3    1 
ATOM   137 C  C4    . DT  A 1 7  ? -0.334  -3.637  1.533   1.00 21.18 ? 7   DT  A C4    1 
ATOM   138 O  O4    . DT  A 1 7  ? 0.045   -3.269  2.642   1.00 17.27 ? 7   DT  A O4    1 
ATOM   139 C  C5    . DT  A 1 7  ? -1.260  -4.722  1.300   1.00 15.80 ? 7   DT  A C5    1 
ATOM   140 C  C7    . DT  A 1 7  ? -1.811  -5.464  2.476   1.00 20.59 ? 7   DT  A C7    1 
ATOM   141 C  C6    . DT  A 1 7  ? -1.583  -5.014  0.034   1.00 16.66 ? 7   DT  A C6    1 
ATOM   142 P  P     . DT  A 1 8  ? -0.748  -7.473  -5.879  1.00 25.65 ? 8   DT  A P     1 
ATOM   143 O  OP1   . DT  A 1 8  ? -1.130  -7.627  -7.307  1.00 22.75 ? 8   DT  A OP1   1 
ATOM   144 O  OP2   . DT  A 1 8  ? -0.701  -8.658  -4.991  1.00 29.75 ? 8   DT  A OP2   1 
ATOM   145 O  "O5'" . DT  A 1 8  ? 0.680   -6.754  -5.829  1.00 21.32 ? 8   DT  A "O5'" 1 
ATOM   146 C  "C5'" . DT  A 1 8  ? 0.846   -5.470  -6.442  1.00 19.35 ? 8   DT  A "C5'" 1 
ATOM   147 C  "C4'" . DT  A 1 8  ? 2.137   -4.828  -5.999  1.00 30.10 ? 8   DT  A "C4'" 1 
ATOM   148 O  "O4'" . DT  A 1 8  ? 2.080   -4.522  -4.587  1.00 24.64 ? 8   DT  A "O4'" 1 
ATOM   149 C  "C3'" . DT  A 1 8  ? 3.385   -5.681  -6.198  1.00 29.95 ? 8   DT  A "C3'" 1 
ATOM   150 O  "O3'" . DT  A 1 8  ? 4.274   -5.022  -7.103  1.00 31.78 ? 8   DT  A "O3'" 1 
ATOM   151 C  "C2'" . DT  A 1 8  ? 3.999   -5.819  -4.827  1.00 23.68 ? 8   DT  A "C2'" 1 
ATOM   152 C  "C1'" . DT  A 1 8  ? 3.389   -4.676  -4.043  1.00 17.96 ? 8   DT  A "C1'" 1 
ATOM   153 N  N1    . DT  A 1 8  ? 3.227   -4.898  -2.601  1.00 19.39 ? 8   DT  A N1    1 
ATOM   154 C  C2    . DT  A 1 8  ? 3.829   -4.018  -1.732  1.00 23.92 ? 8   DT  A C2    1 
ATOM   155 O  O2    . DT  A 1 8  ? 4.495   -3.062  -2.096  1.00 20.61 ? 8   DT  A O2    1 
ATOM   156 N  N3    . DT  A 1 8  ? 3.625   -4.297  -0.403  1.00 27.10 ? 8   DT  A N3    1 
ATOM   157 C  C4    . DT  A 1 8  ? 2.894   -5.344  0.128   1.00 23.15 ? 8   DT  A C4    1 
ATOM   158 O  O4    . DT  A 1 8  ? 2.799   -5.467  1.345   1.00 22.49 ? 8   DT  A O4    1 
ATOM   159 C  C5    . DT  A 1 8  ? 2.288   -6.226  -0.843  1.00 22.03 ? 8   DT  A C5    1 
ATOM   160 C  C7    . DT  A 1 8  ? 1.478   -7.391  -0.363  1.00 21.77 ? 8   DT  A C7    1 
ATOM   161 C  C6    . DT  A 1 8  ? 2.482   -5.963  -2.140  1.00 14.49 ? 8   DT  A C6    1 
ATOM   162 P  P     . DC  A 1 9  ? 5.579   -5.751  -7.682  1.00 30.74 ? 9   DC  A P     1 
ATOM   163 O  OP1   . DC  A 1 9  ? 5.695   -5.395  -9.121  1.00 25.72 ? 9   DC  A OP1   1 
ATOM   164 O  OP2   . DC  A 1 9  ? 5.538   -7.175  -7.272  1.00 27.66 ? 9   DC  A OP2   1 
ATOM   165 O  "O5'" . DC  A 1 9  ? 6.779   -5.043  -6.905  1.00 25.90 ? 9   DC  A "O5'" 1 
ATOM   166 C  "C5'" . DC  A 1 9  ? 6.818   -3.615  -6.780  1.00 27.36 ? 9   DC  A "C5'" 1 
ATOM   167 C  "C4'" . DC  A 1 9  ? 7.826   -3.215  -5.728  1.00 29.73 ? 9   DC  A "C4'" 1 
ATOM   168 O  "O4'" . DC  A 1 9  ? 7.279   -3.468  -4.416  1.00 31.66 ? 9   DC  A "O4'" 1 
ATOM   169 C  "C3'" . DC  A 1 9  ? 9.145   -3.971  -5.802  1.00 27.80 ? 9   DC  A "C3'" 1 
ATOM   170 O  "O3'" . DC  A 1 9  ? 10.230  -3.047  -5.934  1.00 37.17 ? 9   DC  A "O3'" 1 
ATOM   171 C  "C2'" . DC  A 1 9  ? 9.241   -4.744  -4.511  1.00 20.65 ? 9   DC  A "C2'" 1 
ATOM   172 C  "C1'" . DC  A 1 9  ? 8.287   -4.022  -3.579  1.00 26.64 ? 9   DC  A "C1'" 1 
ATOM   173 N  N1    . DC  A 1 9  ? 7.611   -4.877  -2.597  1.00 22.65 ? 9   DC  A N1    1 
ATOM   174 C  C2    . DC  A 1 9  ? 7.617   -4.486  -1.256  1.00 21.09 ? 9   DC  A C2    1 
ATOM   175 O  O2    . DC  A 1 9  ? 8.193   -3.437  -0.937  1.00 24.24 ? 9   DC  A O2    1 
ATOM   176 N  N3    . DC  A 1 9  ? 6.994   -5.263  -0.340  1.00 25.35 ? 9   DC  A N3    1 
ATOM   177 C  C4    . DC  A 1 9  ? 6.383   -6.388  -0.721  1.00 23.23 ? 9   DC  A C4    1 
ATOM   178 N  N4    . DC  A 1 9  ? 5.782   -7.122  0.219   1.00 16.22 ? 9   DC  A N4    1 
ATOM   179 C  C5    . DC  A 1 9  ? 6.361   -6.808  -2.082  1.00 25.45 ? 9   DC  A C5    1 
ATOM   180 C  C6    . DC  A 1 9  ? 6.980   -6.029  -2.978  1.00 22.73 ? 9   DC  A C6    1 
ATOM   181 P  P     . DG  A 1 10 ? 11.547  -3.462  -6.757  1.00 32.60 ? 10  DG  A P     1 
ATOM   182 O  OP1   . DG  A 1 10 ? 11.877  -2.349  -7.680  1.00 36.74 ? 10  DG  A OP1   1 
ATOM   183 O  OP2   . DG  A 1 10 ? 11.343  -4.830  -7.293  1.00 27.91 ? 10  DG  A OP2   1 
ATOM   184 O  "O5'" . DG  A 1 10 ? 12.678  -3.530  -5.633  1.00 26.56 ? 10  DG  A "O5'" 1 
ATOM   185 C  "C5'" . DG  A 1 10 ? 12.868  -2.447  -4.716  1.00 26.09 ? 10  DG  A "C5'" 1 
ATOM   186 C  "C4'" . DG  A 1 10 ? 13.417  -2.952  -3.406  1.00 25.99 ? 10  DG  A "C4'" 1 
ATOM   187 O  "O4'" . DG  A 1 10 ? 12.392  -3.714  -2.715  1.00 26.47 ? 10  DG  A "O4'" 1 
ATOM   188 C  "C3'" . DG  A 1 10 ? 14.620  -3.879  -3.517  1.00 35.42 ? 10  DG  A "C3'" 1 
ATOM   189 O  "O3'" . DG  A 1 10 ? 15.565  -3.604  -2.483  1.00 31.74 ? 10  DG  A "O3'" 1 
ATOM   190 C  "C2'" . DG  A 1 10 ? 14.020  -5.257  -3.317  1.00 33.14 ? 10  DG  A "C2'" 1 
ATOM   191 C  "C1'" . DG  A 1 10 ? 12.972  -4.933  -2.260  1.00 25.29 ? 10  DG  A "C1'" 1 
ATOM   192 N  N9    . DG  A 1 10 ? 11.913  -5.932  -2.095  1.00 28.00 ? 10  DG  A N9    1 
ATOM   193 C  C8    . DG  A 1 10 ? 11.375  -6.784  -3.030  1.00 17.14 ? 10  DG  A C8    1 
ATOM   194 N  N7    . DG  A 1 10 ? 10.439  -7.554  -2.547  1.00 18.93 ? 10  DG  A N7    1 
ATOM   195 C  C5    . DG  A 1 10 ? 10.351  -7.192  -1.210  1.00 17.43 ? 10  DG  A C5    1 
ATOM   196 C  C6    . DG  A 1 10 ? 9.513   -7.678  -0.173  1.00 17.85 ? 10  DG  A C6    1 
ATOM   197 O  O6    . DG  A 1 10 ? 8.646   -8.560  -0.227  1.00 28.18 ? 10  DG  A O6    1 
ATOM   198 N  N1    . DG  A 1 10 ? 9.761   -7.026  1.031   1.00 19.53 ? 10  DG  A N1    1 
ATOM   199 C  C2    . DG  A 1 10 ? 10.692  -6.035  1.221   1.00 26.99 ? 10  DG  A C2    1 
ATOM   200 N  N2    . DG  A 1 10 ? 10.777  -5.532  2.461   1.00 23.91 ? 10  DG  A N2    1 
ATOM   201 N  N3    . DG  A 1 10 ? 11.479  -5.573  0.263   1.00 25.42 ? 10  DG  A N3    1 
ATOM   202 C  C4    . DG  A 1 10 ? 11.252  -6.194  -0.914  1.00 19.85 ? 10  DG  A C4    1 
ATOM   203 P  P     . DC  A 1 11 ? 16.910  -2.784  -2.787  1.00 34.44 ? 11  DC  A P     1 
ATOM   204 O  OP1   . DC  A 1 11 ? 16.524  -1.459  -3.334  1.00 42.19 ? 11  DC  A OP1   1 
ATOM   205 O  OP2   . DC  A 1 11 ? 17.819  -3.666  -3.562  1.00 49.01 ? 11  DC  A OP2   1 
ATOM   206 O  "O5'" . DC  A 1 11 ? 17.552  -2.556  -1.346  1.00 36.95 ? 11  DC  A "O5'" 1 
ATOM   207 C  "C5'" . DC  A 1 11 ? 17.298  -1.358  -0.605  1.00 41.30 ? 11  DC  A "C5'" 1 
ATOM   208 C  "C4'" . DC  A 1 11 ? 16.497  -1.674  0.635   1.00 45.22 ? 11  DC  A "C4'" 1 
ATOM   209 O  "O4'" . DC  A 1 11 ? 15.618  -2.795  0.377   1.00 46.73 ? 11  DC  A "O4'" 1 
ATOM   210 C  "C3'" . DC  A 1 11 ? 17.334  -2.061  1.846   1.00 42.45 ? 11  DC  A "C3'" 1 
ATOM   211 O  "O3'" . DC  A 1 11 ? 16.914  -1.317  2.994   1.00 43.51 ? 11  DC  A "O3'" 1 
ATOM   212 C  "C2'" . DC  A 1 11 ? 17.077  -3.537  2.037   1.00 32.75 ? 11  DC  A "C2'" 1 
ATOM   213 C  "C1'" . DC  A 1 11 ? 15.673  -3.694  1.480   1.00 29.35 ? 11  DC  A "C1'" 1 
ATOM   214 N  N1    . DC  A 1 11 ? 15.345  -5.033  0.985   1.00 35.69 ? 11  DC  A N1    1 
ATOM   215 C  C2    . DC  A 1 11 ? 14.561  -5.868  1.785   1.00 26.88 ? 11  DC  A C2    1 
ATOM   216 O  O2    . DC  A 1 11 ? 14.171  -5.453  2.886   1.00 23.67 ? 11  DC  A O2    1 
ATOM   217 N  N3    . DC  A 1 11 ? 14.249  -7.107  1.340   1.00 24.95 ? 11  DC  A N3    1 
ATOM   218 C  C4    . DC  A 1 11 ? 14.687  -7.518  0.149   1.00 17.67 ? 11  DC  A C4    1 
ATOM   219 N  N4    . DC  A 1 11 ? 14.355  -8.749  -0.248  1.00 27.66 ? 11  DC  A N4    1 
ATOM   220 C  C5    . DC  A 1 11 ? 15.487  -6.687  -0.687  1.00 29.61 ? 11  DC  A C5    1 
ATOM   221 C  C6    . DC  A 1 11 ? 15.789  -5.464  -0.234  1.00 25.68 ? 11  DC  A C6    1 
ATOM   222 P  P     . DG  A 1 12 ? 18.018  -0.690  3.980   1.00 35.86 ? 12  DG  A P     1 
ATOM   223 O  OP1   . DG  A 1 12 ? 17.336  0.297   4.853   1.00 35.20 ? 12  DG  A OP1   1 
ATOM   224 O  OP2   . DG  A 1 12 ? 19.181  -0.279  3.156   1.00 29.11 ? 12  DG  A OP2   1 
ATOM   225 O  "O5'" . DG  A 1 12 ? 18.460  -1.928  4.883   1.00 33.80 ? 12  DG  A "O5'" 1 
ATOM   226 C  "C5'" . DG  A 1 12 ? 17.565  -2.488  5.851   1.00 24.68 ? 12  DG  A "C5'" 1 
ATOM   227 C  "C4'" . DG  A 1 12 ? 17.984  -3.894  6.197   1.00 24.13 ? 12  DG  A "C4'" 1 
ATOM   228 O  "O4'" . DG  A 1 12 ? 17.496  -4.812  5.185   1.00 24.99 ? 12  DG  A "O4'" 1 
ATOM   229 C  "C3'" . DG  A 1 12 ? 19.485  -4.139  6.247   1.00 25.25 ? 12  DG  A "C3'" 1 
ATOM   230 O  "O3'" . DG  A 1 12 ? 19.955  -4.084  7.598   1.00 23.32 ? 12  DG  A "O3'" 1 
ATOM   231 C  "C2'" . DG  A 1 12 ? 19.685  -5.516  5.671   1.00 19.25 ? 12  DG  A "C2'" 1 
ATOM   232 C  "C1'" . DG  A 1 12 ? 18.303  -5.982  5.262   1.00 20.90 ? 12  DG  A "C1'" 1 
ATOM   233 N  N9    . DG  A 1 12 ? 18.254  -6.655  3.956   1.00 25.01 ? 12  DG  A N9    1 
ATOM   234 C  C8    . DG  A 1 12 ? 18.942  -6.340  2.809   1.00 22.50 ? 12  DG  A C8    1 
ATOM   235 N  N7    . DG  A 1 12 ? 18.674  -7.139  1.813   1.00 23.60 ? 12  DG  A N7    1 
ATOM   236 C  C5    . DG  A 1 12 ? 17.751  -8.036  2.332   1.00 22.65 ? 12  DG  A C5    1 
ATOM   237 C  C6    . DG  A 1 12 ? 17.094  -9.136  1.722   1.00 16.85 ? 12  DG  A C6    1 
ATOM   238 O  O6    . DG  A 1 12 ? 17.200  -9.548  0.560   1.00 24.99 ? 12  DG  A O6    1 
ATOM   239 N  N1    . DG  A 1 12 ? 16.238  -9.777  2.611   1.00 19.45 ? 12  DG  A N1    1 
ATOM   240 C  C2    . DG  A 1 12 ? 16.038  -9.412  3.919   1.00 17.48 ? 12  DG  A C2    1 
ATOM   241 N  N2    . DG  A 1 12 ? 15.170  -10.160 4.614   1.00 18.25 ? 12  DG  A N2    1 
ATOM   242 N  N3    . DG  A 1 12 ? 16.644  -8.390  4.501   1.00 16.80 ? 12  DG  A N3    1 
ATOM   243 C  C4    . DG  A 1 12 ? 17.480  -7.752  3.654   1.00 19.72 ? 12  DG  A C4    1 
ATOM   244 O  "O5'" . DC  B 1 1  ? 13.277  -18.674 2.631   1.00 35.91 ? 13  DC  B "O5'" 1 
ATOM   245 C  "C5'" . DC  B 1 1  ? 12.030  -18.022 2.411   1.00 30.12 ? 13  DC  B "C5'" 1 
ATOM   246 C  "C4'" . DC  B 1 1  ? 11.884  -16.824 3.319   1.00 29.26 ? 13  DC  B "C4'" 1 
ATOM   247 O  "O4'" . DC  B 1 1  ? 13.075  -16.003 3.228   1.00 19.78 ? 13  DC  B "O4'" 1 
ATOM   248 C  "C3'" . DC  B 1 1  ? 10.720  -15.905 2.974   1.00 30.15 ? 13  DC  B "C3'" 1 
ATOM   249 O  "O3'" . DC  B 1 1  ? 10.154  -15.342 4.158   1.00 30.54 ? 13  DC  B "O3'" 1 
ATOM   250 C  "C2'" . DC  B 1 1  ? 11.371  -14.825 2.136   1.00 31.10 ? 13  DC  B "C2'" 1 
ATOM   251 C  "C1'" . DC  B 1 1  ? 12.713  -14.684 2.839   1.00 21.58 ? 13  DC  B "C1'" 1 
ATOM   252 N  N1    . DC  B 1 1  ? 13.785  -14.138 2.003   1.00 22.28 ? 13  DC  B N1    1 
ATOM   253 C  C2    . DC  B 1 1  ? 14.253  -12.852 2.289   1.00 24.56 ? 13  DC  B C2    1 
ATOM   254 O  O2    . DC  B 1 1  ? 13.741  -12.233 3.234   1.00 25.24 ? 13  DC  B O2    1 
ATOM   255 N  N3    . DC  B 1 1  ? 15.242  -12.323 1.534   1.00 17.99 ? 13  DC  B N3    1 
ATOM   256 C  C4    . DC  B 1 1  ? 15.761  -13.031 0.528   1.00 25.14 ? 13  DC  B C4    1 
ATOM   257 N  N4    . DC  B 1 1  ? 16.735  -12.467 -0.190  1.00 21.37 ? 13  DC  B N4    1 
ATOM   258 C  C5    . DC  B 1 1  ? 15.302  -14.343 0.214   1.00 28.32 ? 13  DC  B C5    1 
ATOM   259 C  C6    . DC  B 1 1  ? 14.322  -14.854 0.971   1.00 20.32 ? 13  DC  B C6    1 
ATOM   260 P  P     . DG  B 1 2  ? 8.783   -15.908 4.769   1.00 25.61 ? 14  DG  B P     1 
ATOM   261 O  OP1   . DG  B 1 2  ? 8.998   -17.331 5.136   1.00 29.46 ? 14  DG  B OP1   1 
ATOM   262 O  OP2   . DG  B 1 2  ? 7.681   -15.540 3.846   1.00 22.69 ? 14  DG  B OP2   1 
ATOM   263 O  "O5'" . DG  B 1 2  ? 8.599   -15.074 6.116   1.00 27.03 ? 14  DG  B "O5'" 1 
ATOM   264 C  "C5'" . DG  B 1 2  ? 9.610   -15.083 7.133   1.00 28.87 ? 14  DG  B "C5'" 1 
ATOM   265 C  "C4'" . DG  B 1 2  ? 9.889   -13.669 7.593   1.00 24.24 ? 14  DG  B "C4'" 1 
ATOM   266 O  "O4'" . DG  B 1 2  ? 10.725  -13.006 6.623   1.00 24.75 ? 14  DG  B "O4'" 1 
ATOM   267 C  "C3'" . DG  B 1 2  ? 8.644   -12.811 7.758   1.00 19.93 ? 14  DG  B "C3'" 1 
ATOM   268 O  "O3'" . DG  B 1 2  ? 8.594   -12.257 9.077   1.00 25.95 ? 14  DG  B "O3'" 1 
ATOM   269 C  "C2'" . DG  B 1 2  ? 8.758   -11.727 6.719   1.00 25.25 ? 14  DG  B "C2'" 1 
ATOM   270 C  "C1'" . DG  B 1 2  ? 10.225  -11.706 6.344   1.00 22.38 ? 14  DG  B "C1'" 1 
ATOM   271 N  N9    . DG  B 1 2  ? 10.481  -11.436 4.921   1.00 20.69 ? 14  DG  B N9    1 
ATOM   272 C  C8    . DG  B 1 2  ? 10.041  -12.167 3.842   1.00 22.19 ? 14  DG  B C8    1 
ATOM   273 N  N7    . DG  B 1 2  ? 10.430  -11.677 2.697   1.00 26.20 ? 14  DG  B N7    1 
ATOM   274 C  C5    . DG  B 1 2  ? 11.173  -10.555 3.038   1.00 18.05 ? 14  DG  B C5    1 
ATOM   275 C  C6    . DG  B 1 2  ? 11.848  -9.620  2.213   1.00 17.23 ? 14  DG  B C6    1 
ATOM   276 O  O6    . DG  B 1 2  ? 11.927  -9.595  0.978   1.00 22.49 ? 14  DG  B O6    1 
ATOM   277 N  N1    . DG  B 1 2  ? 12.477  -8.632  2.963   1.00 16.44 ? 14  DG  B N1    1 
ATOM   278 C  C2    . DG  B 1 2  ? 12.459  -8.556  4.334   1.00 15.77 ? 14  DG  B C2    1 
ATOM   279 N  N2    . DG  B 1 2  ? 13.130  -7.525  4.868   1.00 21.58 ? 14  DG  B N2    1 
ATOM   280 N  N3    . DG  B 1 2  ? 11.834  -9.423  5.112   1.00 17.73 ? 14  DG  B N3    1 
ATOM   281 C  C4    . DG  B 1 2  ? 11.213  -10.393 4.408   1.00 21.27 ? 14  DG  B C4    1 
ATOM   282 P  P     . DC  B 1 3  ? 7.248   -11.544 9.591   1.00 31.78 ? 15  DC  B P     1 
ATOM   283 O  OP1   . DC  B 1 3  ? 7.114   -11.824 11.043  1.00 27.09 ? 15  DC  B OP1   1 
ATOM   284 O  OP2   . DC  B 1 3  ? 6.153   -11.922 8.662   1.00 36.28 ? 15  DC  B OP2   1 
ATOM   285 O  "O5'" . DC  B 1 3  ? 7.540   -9.992  9.407   1.00 22.73 ? 15  DC  B "O5'" 1 
ATOM   286 C  "C5'" . DC  B 1 3  ? 8.657   -9.359  10.045  1.00 20.79 ? 15  DC  B "C5'" 1 
ATOM   287 C  "C4'" . DC  B 1 3  ? 8.994   -8.076  9.321   1.00 21.61 ? 15  DC  B "C4'" 1 
ATOM   288 O  "O4'" . DC  B 1 3  ? 9.374   -8.373  7.960   1.00 23.02 ? 15  DC  B "O4'" 1 
ATOM   289 C  "C3'" . DC  B 1 3  ? 7.836   -7.093  9.209   1.00 19.72 ? 15  DC  B "C3'" 1 
ATOM   290 O  "O3'" . DC  B 1 3  ? 7.911   -6.128  10.262  1.00 25.20 ? 15  DC  B "O3'" 1 
ATOM   291 C  "C2'" . DC  B 1 3  ? 8.008   -6.442  7.865   1.00 30.43 ? 15  DC  B "C2'" 1 
ATOM   292 C  "C1'" . DC  B 1 3  ? 9.022   -7.282  7.121   1.00 23.63 ? 15  DC  B "C1'" 1 
ATOM   293 N  N1    . DC  B 1 3  ? 8.530   -7.849  5.856   1.00 17.99 ? 15  DC  B N1    1 
ATOM   294 C  C2    . DC  B 1 3  ? 9.102   -7.402  4.663   1.00 19.28 ? 15  DC  B C2    1 
ATOM   295 O  O2    . DC  B 1 3  ? 9.998   -6.547  4.707   1.00 23.85 ? 15  DC  B O2    1 
ATOM   296 N  N3    . DC  B 1 3  ? 8.662   -7.914  3.490   1.00 17.49 ? 15  DC  B N3    1 
ATOM   297 C  C4    . DC  B 1 3  ? 7.695   -8.833  3.481   1.00 20.54 ? 15  DC  B C4    1 
ATOM   298 N  N4    . DC  B 1 3  ? 7.293   -9.307  2.299   1.00 27.99 ? 15  DC  B N4    1 
ATOM   299 C  C5    . DC  B 1 3  ? 7.095   -9.306  4.685   1.00 29.82 ? 15  DC  B C5    1 
ATOM   300 C  C6    . DC  B 1 3  ? 7.541   -8.790  5.838   1.00 28.56 ? 15  DC  B C6    1 
ATOM   301 P  P     . DG  B 1 4  ? 6.668   -5.162  10.577  1.00 30.88 ? 16  DG  B P     1 
ATOM   302 O  OP1   . DG  B 1 4  ? 6.580   -5.000  12.050  1.00 43.97 ? 16  DG  B OP1   1 
ATOM   303 O  OP2   . DG  B 1 4  ? 5.494   -5.657  9.818   1.00 28.43 ? 16  DG  B OP2   1 
ATOM   304 O  "O5'" . DG  B 1 4  ? 7.111   -3.764  9.950   1.00 24.94 ? 16  DG  B "O5'" 1 
ATOM   305 C  "C5'" . DG  B 1 4  ? 8.431   -3.251  10.168  1.00 24.76 ? 16  DG  B "C5'" 1 
ATOM   306 C  "C4'" . DG  B 1 4  ? 8.768   -2.231  9.107   1.00 30.37 ? 16  DG  B "C4'" 1 
ATOM   307 O  "O4'" . DG  B 1 4  ? 8.726   -2.859  7.806   1.00 32.14 ? 16  DG  B "O4'" 1 
ATOM   308 C  "C3'" . DG  B 1 4  ? 7.806   -1.050  9.038   1.00 33.38 ? 16  DG  B "C3'" 1 
ATOM   309 O  "O3'" . DG  B 1 4  ? 8.528   0.158   8.790   1.00 45.23 ? 16  DG  B "O3'" 1 
ATOM   310 C  "C2'" . DG  B 1 4  ? 6.887   -1.396  7.894   1.00 34.66 ? 16  DG  B "C2'" 1 
ATOM   311 C  "C1'" . DG  B 1 4  ? 7.771   -2.217  6.975   1.00 28.62 ? 16  DG  B "C1'" 1 
ATOM   312 N  N9    . DG  B 1 4  ? 7.063   -3.265  6.223   1.00 22.75 ? 16  DG  B N9    1 
ATOM   313 C  C8    . DG  B 1 4  ? 6.048   -4.089  6.641   1.00 24.14 ? 16  DG  B C8    1 
ATOM   314 N  N7    . DG  B 1 4  ? 5.640   -4.916  5.716   1.00 22.07 ? 16  DG  B N7    1 
ATOM   315 C  C5    . DG  B 1 4  ? 6.436   -4.622  4.618   1.00 19.89 ? 16  DG  B C5    1 
ATOM   316 C  C6    . DG  B 1 4  ? 6.463   -5.187  3.316   1.00 22.92 ? 16  DG  B C6    1 
ATOM   317 O  O6    . DG  B 1 4  ? 5.765   -6.095  2.851   1.00 25.31 ? 16  DG  B O6    1 
ATOM   318 N  N1    . DG  B 1 4  ? 7.430   -4.586  2.518   1.00 21.44 ? 16  DG  B N1    1 
ATOM   319 C  C2    . DG  B 1 4  ? 8.266   -3.571  2.914   1.00 25.41 ? 16  DG  B C2    1 
ATOM   320 N  N2    . DG  B 1 4  ? 9.134   -3.123  1.996   1.00 28.08 ? 16  DG  B N2    1 
ATOM   321 N  N3    . DG  B 1 4  ? 8.252   -3.035  4.123   1.00 20.99 ? 16  DG  B N3    1 
ATOM   322 C  C4    . DG  B 1 4  ? 7.319   -3.606  4.914   1.00 18.17 ? 16  DG  B C4    1 
ATOM   323 P  P     . DA  B 1 5  ? 7.773   1.520   8.408   1.00 35.60 ? 17  DA  B P     1 
ATOM   324 O  OP1   . DA  B 1 5  ? 8.379   2.617   9.204   1.00 51.97 ? 17  DA  B OP1   1 
ATOM   325 O  OP2   . DA  B 1 5  ? 6.311   1.279   8.487   1.00 51.33 ? 17  DA  B OP2   1 
ATOM   326 O  "O5'" . DA  B 1 5  ? 8.159   1.749   6.879   1.00 37.43 ? 17  DA  B "O5'" 1 
ATOM   327 C  "C5'" . DA  B 1 5  ? 9.472   1.441   6.396   1.00 31.25 ? 17  DA  B "C5'" 1 
ATOM   328 C  "C4'" . DA  B 1 5  ? 9.570   1.762   4.924   1.00 33.30 ? 17  DA  B "C4'" 1 
ATOM   329 O  "O4'" . DA  B 1 5  ? 8.904   0.732   4.161   1.00 34.13 ? 17  DA  B "O4'" 1 
ATOM   330 C  "C3'" . DA  B 1 5  ? 8.912   3.072   4.510   1.00 34.91 ? 17  DA  B "C3'" 1 
ATOM   331 O  "O3'" . DA  B 1 5  ? 9.654   3.685   3.455   1.00 48.60 ? 17  DA  B "O3'" 1 
ATOM   332 C  "C2'" . DA  B 1 5  ? 7.537   2.651   4.055   1.00 28.27 ? 17  DA  B "C2'" 1 
ATOM   333 C  "C1'" . DA  B 1 5  ? 7.764   1.260   3.496   1.00 29.43 ? 17  DA  B "C1'" 1 
ATOM   334 N  N9    . DA  B 1 5  ? 6.659   0.319   3.722   1.00 22.86 ? 17  DA  B N9    1 
ATOM   335 C  C8    . DA  B 1 5  ? 5.879   0.185   4.843   1.00 23.60 ? 17  DA  B C8    1 
ATOM   336 N  N7    . DA  B 1 5  ? 4.967   -0.752  4.743   1.00 22.36 ? 17  DA  B N7    1 
ATOM   337 C  C5    . DA  B 1 5  ? 5.161   -1.269  3.470   1.00 15.59 ? 17  DA  B C5    1 
ATOM   338 C  C6    . DA  B 1 5  ? 4.513   -2.292  2.755   1.00 16.09 ? 17  DA  B C6    1 
ATOM   339 N  N6    . DA  B 1 5  ? 3.495   -3.007  3.239   1.00 20.36 ? 17  DA  B N6    1 
ATOM   340 N  N1    . DA  B 1 5  ? 4.952   -2.559  1.506   1.00 21.12 ? 17  DA  B N1    1 
ATOM   341 C  C2    . DA  B 1 5  ? 5.973   -1.844  1.017   1.00 22.75 ? 17  DA  B C2    1 
ATOM   342 N  N3    . DA  B 1 5  ? 6.661   -0.860  1.591   1.00 21.06 ? 17  DA  B N3    1 
ATOM   343 C  C4    . DA  B 1 5  ? 6.200   -0.619  2.830   1.00 19.03 ? 17  DA  B C4    1 
ATOM   344 P  P     . DA  B 1 6  ? 9.075   4.958   2.667   1.00 44.56 ? 18  DA  B P     1 
ATOM   345 O  OP1   . DA  B 1 6  ? 10.226  5.697   2.089   1.00 55.06 ? 18  DA  B OP1   1 
ATOM   346 O  OP2   . DA  B 1 6  ? 8.126   5.662   3.564   1.00 28.06 ? 18  DA  B OP2   1 
ATOM   347 O  "O5'" . DA  B 1 6  ? 8.245   4.321   1.464   1.00 24.67 ? 18  DA  B "O5'" 1 
ATOM   348 C  "C5'" . DA  B 1 6  ? 8.896   3.563   0.438   1.00 23.84 ? 18  DA  B "C5'" 1 
ATOM   349 C  "C4'" . DA  B 1 6  ? 7.894   3.165   -0.623  1.00 28.77 ? 18  DA  B "C4'" 1 
ATOM   350 O  "O4'" . DA  B 1 6  ? 6.985   2.181   -0.082  1.00 27.46 ? 18  DA  B "O4'" 1 
ATOM   351 C  "C3'" . DA  B 1 6  ? 7.036   4.315   -1.138  1.00 27.84 ? 18  DA  B "C3'" 1 
ATOM   352 O  "O3'" . DA  B 1 6  ? 7.210   4.461   -2.550  1.00 31.96 ? 18  DA  B "O3'" 1 
ATOM   353 C  "C2'" . DA  B 1 6  ? 5.617   3.946   -0.794  1.00 23.82 ? 18  DA  B "C2'" 1 
ATOM   354 C  "C1'" . DA  B 1 6  ? 5.668   2.451   -0.545  1.00 27.57 ? 18  DA  B "C1'" 1 
ATOM   355 N  N9    . DA  B 1 6  ? 4.736   1.963   0.479   1.00 26.71 ? 18  DA  B N9    1 
ATOM   356 C  C8    . DA  B 1 6  ? 4.562   2.436   1.755   1.00 22.35 ? 18  DA  B C8    1 
ATOM   357 N  N7    . DA  B 1 6  ? 3.649   1.790   2.439   1.00 22.04 ? 18  DA  B N7    1 
ATOM   358 C  C5    . DA  B 1 6  ? 3.192   0.825   1.552   1.00 26.22 ? 18  DA  B C5    1 
ATOM   359 C  C6    . DA  B 1 6  ? 2.218   -0.183  1.671   1.00 32.44 ? 18  DA  B C6    1 
ATOM   360 N  N6    . DA  B 1 6  ? 1.500   -0.394  2.777   1.00 26.14 ? 18  DA  B N6    1 
ATOM   361 N  N1    . DA  B 1 6  ? 2.004   -0.978  0.599   1.00 17.27 ? 18  DA  B N1    1 
ATOM   362 C  C2    . DA  B 1 6  ? 2.724   -0.765  -0.509  1.00 18.42 ? 18  DA  B C2    1 
ATOM   363 N  N3    . DA  B 1 6  ? 3.665   0.148   -0.742  1.00 17.53 ? 18  DA  B N3    1 
ATOM   364 C  C4    . DA  B 1 6  ? 3.853   0.920   0.342   1.00 18.38 ? 18  DA  B C4    1 
ATOM   365 P  P     . DT  B 1 7  ? 6.394   5.575   -3.367  1.00 32.09 ? 19  DT  B P     1 
ATOM   366 O  OP1   . DT  B 1 7  ? 7.265   6.066   -4.464  1.00 42.72 ? 19  DT  B OP1   1 
ATOM   367 O  OP2   . DT  B 1 7  ? 5.820   6.535   -2.392  1.00 27.92 ? 19  DT  B OP2   1 
ATOM   368 O  "O5'" . DT  B 1 7  ? 5.193   4.751   -4.019  1.00 32.92 ? 19  DT  B "O5'" 1 
ATOM   369 C  "C5'" . DT  B 1 7  ? 5.429   3.466   -4.603  1.00 23.88 ? 19  DT  B "C5'" 1 
ATOM   370 C  "C4'" . DT  B 1 7  ? 4.127   2.727   -4.796  1.00 27.42 ? 19  DT  B "C4'" 1 
ATOM   371 O  "O4'" . DT  B 1 7  ? 3.571   2.370   -3.506  1.00 24.58 ? 19  DT  B "O4'" 1 
ATOM   372 C  "C3'" . DT  B 1 7  ? 3.037   3.511   -5.518  1.00 17.45 ? 19  DT  B "C3'" 1 
ATOM   373 O  "O3'" . DT  B 1 7  ? 2.757   2.898   -6.779  1.00 25.46 ? 19  DT  B "O3'" 1 
ATOM   374 C  "C2'" . DT  B 1 7  ? 1.835   3.465   -4.604  1.00 19.01 ? 19  DT  B "C2'" 1 
ATOM   375 C  "C1'" . DT  B 1 7  ? 2.151   2.328   -3.652  1.00 20.32 ? 19  DT  B "C1'" 1 
ATOM   376 N  N1    . DT  B 1 7  ? 1.573   2.430   -2.309  1.00 19.08 ? 19  DT  B N1    1 
ATOM   377 C  C2    . DT  B 1 7  ? 0.650   1.485   -1.922  1.00 19.46 ? 19  DT  B C2    1 
ATOM   378 O  O2    . DT  B 1 7  ? 0.284   0.567   -2.640  1.00 17.19 ? 19  DT  B O2    1 
ATOM   379 N  N3    . DT  B 1 7  ? 0.159   1.651   -0.651  1.00 17.04 ? 19  DT  B N3    1 
ATOM   380 C  C4    . DT  B 1 7  ? 0.492   2.643   0.252   1.00 20.03 ? 19  DT  B C4    1 
ATOM   381 O  O4    . DT  B 1 7  ? -0.037  2.659   1.361   1.00 23.40 ? 19  DT  B O4    1 
ATOM   382 C  C5    . DT  B 1 7  ? 1.467   3.599   -0.219  1.00 19.22 ? 19  DT  B C5    1 
ATOM   383 C  C7    . DT  B 1 7  ? 1.894   4.712   0.686   1.00 24.54 ? 19  DT  B C7    1 
ATOM   384 C  C6    . DT  B 1 7  ? 1.952   3.445   -1.457  1.00 16.15 ? 19  DT  B C6    1 
ATOM   385 P  P     . DT  B 1 8  ? 1.864   3.633   -7.890  1.00 32.72 ? 20  DT  B P     1 
ATOM   386 O  OP1   . DT  B 1 8  ? 2.394   3.257   -9.226  1.00 35.46 ? 20  DT  B OP1   1 
ATOM   387 O  OP2   . DT  B 1 8  ? 1.748   5.064   -7.524  1.00 17.86 ? 20  DT  B OP2   1 
ATOM   388 O  "O5'" . DT  B 1 8  ? 0.429   2.952   -7.722  1.00 28.67 ? 20  DT  B "O5'" 1 
ATOM   389 C  "C5'" . DT  B 1 8  ? 0.276   1.542   -7.916  1.00 27.12 ? 20  DT  B "C5'" 1 
ATOM   390 C  "C4'" . DT  B 1 8  ? -1.056  1.078   -7.379  1.00 20.37 ? 20  DT  B "C4'" 1 
ATOM   391 O  "O4'" . DT  B 1 8  ? -1.118  1.306   -5.953  1.00 23.71 ? 20  DT  B "O4'" 1 
ATOM   392 C  "C3'" . DT  B 1 8  ? -2.268  1.789   -7.970  1.00 17.60 ? 20  DT  B "C3'" 1 
ATOM   393 O  "O3'" . DT  B 1 8  ? -3.056  0.857   -8.716  1.00 24.16 ? 20  DT  B "O3'" 1 
ATOM   394 C  "C2'" . DT  B 1 8  ? -3.031  2.339   -6.791  1.00 24.99 ? 20  DT  B "C2'" 1 
ATOM   395 C  "C1'" . DT  B 1 8  ? -2.475  1.574   -5.608  1.00 23.72 ? 20  DT  B "C1'" 1 
ATOM   396 N  N1    . DT  B 1 8  ? -2.455  2.280   -4.323  1.00 17.38 ? 20  DT  B N1    1 
ATOM   397 C  C2    . DT  B 1 8  ? -3.239  1.794   -3.301  1.00 19.55 ? 20  DT  B C2    1 
ATOM   398 O  O2    . DT  B 1 8  ? -3.952  0.811   -3.419  1.00 21.35 ? 20  DT  B O2    1 
ATOM   399 N  N3    . DT  B 1 8  ? -3.162  2.506   -2.131  1.00 21.32 ? 20  DT  B N3    1 
ATOM   400 C  C4    . DT  B 1 8  ? -2.395  3.628   -1.882  1.00 29.92 ? 20  DT  B C4    1 
ATOM   401 O  O4    . DT  B 1 8  ? -2.429  4.164   -0.778  1.00 14.56 ? 20  DT  B O4    1 
ATOM   402 C  C5    . DT  B 1 8  ? -1.593  4.081   -2.996  1.00 26.34 ? 20  DT  B C5    1 
ATOM   403 C  C7    . DT  B 1 8  ? -0.729  5.289   -2.822  1.00 39.21 ? 20  DT  B C7    1 
ATOM   404 C  C6    . DT  B 1 8  ? -1.661  3.393   -4.143  1.00 24.67 ? 20  DT  B C6    1 
ATOM   405 P  P     . DC  B 1 9  ? -4.296  1.354   -9.606  1.00 35.36 ? 21  DC  B P     1 
ATOM   406 O  OP1   . DC  B 1 9  ? -4.460  0.400   -10.732 1.00 43.25 ? 21  DC  B OP1   1 
ATOM   407 O  OP2   . DC  B 1 9  ? -4.119  2.800   -9.880  1.00 32.77 ? 21  DC  B OP2   1 
ATOM   408 O  "O5'" . DC  B 1 9  ? -5.544  1.178   -8.627  1.00 22.05 ? 21  DC  B "O5'" 1 
ATOM   409 C  "C5'" . DC  B 1 9  ? -5.732  -0.059  -7.928  1.00 28.54 ? 21  DC  B "C5'" 1 
ATOM   410 C  "C4'" . DC  B 1 9  ? -6.863  0.070   -6.937  1.00 24.79 ? 21  DC  B "C4'" 1 
ATOM   411 O  "O4'" . DC  B 1 9  ? -6.414  0.815   -5.784  1.00 18.64 ? 21  DC  B "O4'" 1 
ATOM   412 C  "C3'" . DC  B 1 9  ? -8.091  0.802   -7.464  1.00 18.68 ? 21  DC  B "C3'" 1 
ATOM   413 O  "O3'" . DC  B 1 9  ? -9.220  -0.078  -7.443  1.00 19.03 ? 21  DC  B "O3'" 1 
ATOM   414 C  "C2'" . DC  B 1 9  ? -8.290  1.978   -6.541  1.00 22.88 ? 21  DC  B "C2'" 1 
ATOM   415 C  "C1'" . DC  B 1 9  ? -7.493  1.615   -5.306  1.00 23.00 ? 21  DC  B "C1'" 1 
ATOM   416 N  N1    . DC  B 1 9  ? -6.889  2.733   -4.571  1.00 26.62 ? 21  DC  B N1    1 
ATOM   417 C  C2    . DC  B 1 9  ? -7.155  2.856   -3.205  1.00 18.63 ? 21  DC  B C2    1 
ATOM   418 O  O2    . DC  B 1 9  ? -7.894  2.026   -2.658  1.00 17.00 ? 21  DC  B O2    1 
ATOM   419 N  N3    . DC  B 1 9  ? -6.601  3.880   -2.513  1.00 19.63 ? 21  DC  B N3    1 
ATOM   420 C  C4    . DC  B 1 9  ? -5.810  4.756   -3.135  1.00 16.27 ? 21  DC  B C4    1 
ATOM   421 N  N4    . DC  B 1 9  ? -5.287  5.751   -2.413  1.00 19.22 ? 21  DC  B N4    1 
ATOM   422 C  C5    . DC  B 1 9  ? -5.520  4.651   -4.527  1.00 20.65 ? 21  DC  B C5    1 
ATOM   423 C  C6    . DC  B 1 9  ? -6.074  3.633   -5.198  1.00 20.98 ? 21  DC  B C6    1 
ATOM   424 P  P     . DG  B 1 10 ? -10.512 0.238   -8.338  1.00 22.25 ? 22  DG  B P     1 
ATOM   425 O  OP1   . DG  B 1 10 ? -11.114 -1.060  -8.742  1.00 24.58 ? 22  DG  B OP1   1 
ATOM   426 O  OP2   . DG  B 1 10 ? -10.133 1.234   -9.368  1.00 27.56 ? 22  DG  B OP2   1 
ATOM   427 O  "O5'" . DG  B 1 10 ? -11.510 0.939   -7.307  1.00 21.08 ? 22  DG  B "O5'" 1 
ATOM   428 C  "C5'" . DG  B 1 10 ? -11.876 0.266   -6.097  1.00 17.41 ? 22  DG  B "C5'" 1 
ATOM   429 C  "C4'" . DG  B 1 10 ? -12.506 1.237   -5.131  1.00 27.76 ? 22  DG  B "C4'" 1 
ATOM   430 O  "O4'" . DG  B 1 10 ? -11.494 2.141   -4.615  1.00 25.64 ? 22  DG  B "O4'" 1 
ATOM   431 C  "C3'" . DG  B 1 10 ? -13.592 2.127   -5.724  1.00 19.60 ? 22  DG  B "C3'" 1 
ATOM   432 O  "O3'" . DG  B 1 10 ? -14.678 2.246   -4.807  1.00 28.76 ? 22  DG  B "O3'" 1 
ATOM   433 C  "C2'" . DG  B 1 10 ? -12.900 3.464   -5.901  1.00 22.19 ? 22  DG  B "C2'" 1 
ATOM   434 C  "C1'" . DG  B 1 10 ? -12.021 3.466   -4.658  1.00 21.33 ? 22  DG  B "C1'" 1 
ATOM   435 N  N9    . DG  B 1 10 ? -10.903 4.413   -4.655  1.00 21.99 ? 22  DG  B N9    1 
ATOM   436 C  C8    . DG  B 1 10 ? -10.133 4.865   -5.699  1.00 19.72 ? 22  DG  B C8    1 
ATOM   437 N  N7    . DG  B 1 10 ? -9.213  5.714   -5.332  1.00 15.75 ? 22  DG  B N7    1 
ATOM   438 C  C5    . DG  B 1 10 ? -9.380  5.835   -3.959  1.00 16.76 ? 22  DG  B C5    1 
ATOM   439 C  C6    . DG  B 1 10 ? -8.676  6.611   -3.002  1.00 17.93 ? 22  DG  B C6    1 
ATOM   440 O  O6    . DG  B 1 10 ? -7.725  7.382   -3.180  1.00 18.05 ? 22  DG  B O6    1 
ATOM   441 N  N1    . DG  B 1 10 ? -9.185  6.424   -1.719  1.00 16.26 ? 22  DG  B N1    1 
ATOM   442 C  C2    . DG  B 1 10 ? -10.233 5.600   -1.395  1.00 15.73 ? 22  DG  B C2    1 
ATOM   443 N  N2    . DG  B 1 10 ? -10.580 5.552   -0.100  1.00 18.51 ? 22  DG  B N2    1 
ATOM   444 N  N3    . DG  B 1 10 ? -10.898 4.870   -2.276  1.00 18.20 ? 22  DG  B N3    1 
ATOM   445 C  C4    . DG  B 1 10 ? -10.416 5.039   -3.525  1.00 15.97 ? 22  DG  B C4    1 
ATOM   446 P  P     . DC  B 1 11 ? -16.195 2.374   -5.310  1.00 28.04 ? 23  DC  B P     1 
ATOM   447 O  OP1   . DC  B 1 11 ? -16.638 1.036   -5.776  1.00 36.51 ? 23  DC  B OP1   1 
ATOM   448 O  OP2   . DC  B 1 11 ? -16.287 3.542   -6.217  1.00 28.13 ? 23  DC  B OP2   1 
ATOM   449 O  "O5'" . DC  B 1 11 ? -16.995 2.718   -3.972  1.00 31.55 ? 23  DC  B "O5'" 1 
ATOM   450 C  "C5'" . DC  B 1 11 ? -16.607 2.144   -2.717  1.00 26.79 ? 23  DC  B "C5'" 1 
ATOM   451 C  "C4'" . DC  B 1 11 ? -16.721 3.178   -1.618  1.00 24.75 ? 23  DC  B "C4'" 1 
ATOM   452 O  "O4'" . DC  B 1 11 ? -15.498 3.947   -1.558  1.00 23.34 ? 23  DC  B "O4'" 1 
ATOM   453 C  "C3'" . DC  B 1 11 ? -17.855 4.171   -1.813  1.00 27.43 ? 23  DC  B "C3'" 1 
ATOM   454 O  "O3'" . DC  B 1 11 ? -18.669 4.246   -0.638  1.00 22.74 ? 23  DC  B "O3'" 1 
ATOM   455 C  "C2'" . DC  B 1 11 ? -17.189 5.496   -2.079  1.00 26.77 ? 23  DC  B "C2'" 1 
ATOM   456 C  "C1'" . DC  B 1 11 ? -15.792 5.333   -1.515  1.00 25.07 ? 23  DC  B "C1'" 1 
ATOM   457 N  N1    . DC  B 1 11 ? -14.763 6.036   -2.292  1.00 23.31 ? 23  DC  B N1    1 
ATOM   458 C  C2    . DC  B 1 11 ? -13.841 6.835   -1.614  1.00 18.39 ? 23  DC  B C2    1 
ATOM   459 O  O2    . DC  B 1 11 ? -13.921 6.924   -0.380  1.00 16.95 ? 23  DC  B O2    1 
ATOM   460 N  N3    . DC  B 1 11 ? -12.890 7.486   -2.325  1.00 19.46 ? 23  DC  B N3    1 
ATOM   461 C  C4    . DC  B 1 11 ? -12.844 7.357   -3.654  1.00 17.13 ? 23  DC  B C4    1 
ATOM   462 N  N4    . DC  B 1 11 ? -11.892 8.014   -4.320  1.00 19.25 ? 23  DC  B N4    1 
ATOM   463 C  C5    . DC  B 1 11 ? -13.774 6.548   -4.366  1.00 16.92 ? 23  DC  B C5    1 
ATOM   464 C  C6    . DC  B 1 11 ? -14.709 5.911   -3.652  1.00 22.57 ? 23  DC  B C6    1 
ATOM   465 P  P     . DG  B 1 12 ? -20.027 5.108   -0.694  1.00 31.76 ? 24  DG  B P     1 
ATOM   466 O  OP1   . DG  B 1 12 ? -21.044 4.406   0.127   1.00 32.85 ? 24  DG  B OP1   1 
ATOM   467 O  OP2   . DG  B 1 12 ? -20.306 5.412   -2.120  1.00 21.83 ? 24  DG  B OP2   1 
ATOM   468 O  "O5'" . DG  B 1 12 ? -19.650 6.472   0.036   1.00 32.20 ? 24  DG  B "O5'" 1 
ATOM   469 C  "C5'" . DG  B 1 12 ? -19.340 6.513   1.433   1.00 24.50 ? 24  DG  B "C5'" 1 
ATOM   470 C  "C4'" . DG  B 1 12 ? -18.636 7.802   1.774   1.00 24.69 ? 24  DG  B "C4'" 1 
ATOM   471 O  "O4'" . DG  B 1 12 ? -17.369 7.875   1.077   1.00 18.67 ? 24  DG  B "O4'" 1 
ATOM   472 C  "C3'" . DG  B 1 12 ? -19.363 9.073   1.357   1.00 25.50 ? 24  DG  B "C3'" 1 
ATOM   473 O  "O3'" . DG  B 1 12 ? -20.275 9.489   2.376   1.00 31.56 ? 24  DG  B "O3'" 1 
ATOM   474 C  "C2'" . DG  B 1 12 ? -18.254 10.075  1.178   1.00 26.31 ? 24  DG  B "C2'" 1 
ATOM   475 C  "C1'" . DG  B 1 12 ? -17.030 9.237   0.860   1.00 20.35 ? 24  DG  B "C1'" 1 
ATOM   476 N  N9    . DG  B 1 12 ? -16.570 9.371   -0.532  1.00 21.15 ? 24  DG  B N9    1 
ATOM   477 C  C8    . DG  B 1 12 ? -17.084 8.788   -1.666  1.00 23.16 ? 24  DG  B C8    1 
ATOM   478 N  N7    . DG  B 1 12 ? -16.438 9.117   -2.751  1.00 17.39 ? 24  DG  B N7    1 
ATOM   479 C  C5    . DG  B 1 12 ? -15.436 9.971   -2.310  1.00 13.94 ? 24  DG  B C5    1 
ATOM   480 C  C6    . DG  B 1 12 ? -14.418 10.649  -3.029  1.00 16.77 ? 24  DG  B C6    1 
ATOM   481 O  O6    . DG  B 1 12 ? -14.186 10.633  -4.244  1.00 17.32 ? 24  DG  B O6    1 
ATOM   482 N  N1    . DG  B 1 12 ? -13.617 11.409  -2.184  1.00 17.43 ? 24  DG  B N1    1 
ATOM   483 C  C2    . DG  B 1 12 ? -13.770 11.510  -0.824  1.00 18.07 ? 24  DG  B C2    1 
ATOM   484 N  N2    . DG  B 1 12 ? -12.892 12.297  -0.185  1.00 18.98 ? 24  DG  B N2    1 
ATOM   485 N  N3    . DG  B 1 12 ? -14.714 10.884  -0.141  1.00 19.49 ? 24  DG  B N3    1 
ATOM   486 C  C4    . DG  B 1 12 ? -15.504 10.138  -0.944  1.00 21.38 ? 24  DG  B C4    1 
HETATM 487 MG MG    . MG  C 2 .  ? -6.299  10.356  -5.546  1.00 20.85 ? 26  MG  A MG    1 
HETATM 488 C  C1    . D2A D 3 .  ? -7.485  -3.542  -5.397  1.00 28.29 ? 25  D2A A C1    1 
HETATM 489 C  C2    . D2A D 3 .  ? -6.123  -3.358  -5.578  1.00 21.75 ? 25  D2A A C2    1 
HETATM 490 C  C3    . D2A D 3 .  ? -5.387  -2.442  -4.795  1.00 29.69 ? 25  D2A A C3    1 
HETATM 491 C  C4    . D2A D 3 .  ? -6.110  -1.732  -3.809  1.00 31.88 ? 25  D2A A C4    1 
HETATM 492 C  C5    . D2A D 3 .  ? -7.473  -1.916  -3.627  1.00 42.27 ? 25  D2A A C5    1 
HETATM 493 C  C6    . D2A D 3 .  ? -8.210  -2.829  -4.416  1.00 32.61 ? 25  D2A A C6    1 
HETATM 494 C  C7    . D2A D 3 .  ? -4.001  -2.254  -4.970  1.00 30.99 ? 25  D2A A C7    1 
HETATM 495 C  C8    . D2A D 3 .  ? -3.353  -2.459  -6.208  1.00 21.68 ? 25  D2A A C8    1 
HETATM 496 C  C9    . D2A D 3 .  ? -1.984  -2.271  -6.358  1.00 20.83 ? 25  D2A A C9    1 
HETATM 497 C  C10   . D2A D 3 .  ? -1.177  -1.867  -5.278  1.00 21.13 ? 25  D2A A C10   1 
HETATM 498 C  C11   . D2A D 3 .  ? -1.818  -1.663  -4.039  1.00 33.17 ? 25  D2A A C11   1 
HETATM 499 C  C12   . D2A D 3 .  ? -3.184  -1.851  -3.889  1.00 36.09 ? 25  D2A A C12   1 
HETATM 500 C  C13   . D2A D 3 .  ? 0.247   -1.665  -5.405  1.00 27.75 ? 25  D2A A C13   1 
HETATM 501 N  N14   . D2A D 3 .  ? 0.941   -1.836  -6.622  1.00 36.91 ? 25  D2A A N14   1 
HETATM 502 C  C15   . D2A D 3 .  ? 2.233   -1.538  -6.240  1.00 29.81 ? 25  D2A A C15   1 
HETATM 503 C  C16   . D2A D 3 .  ? 2.286   -1.211  -4.862  1.00 27.15 ? 25  D2A A C16   1 
HETATM 504 N  N17   . D2A D 3 .  ? 1.032   -1.282  -4.290  1.00 28.14 ? 25  D2A A N17   1 
HETATM 505 C  C18   . D2A D 3 .  ? 3.515   -0.872  -4.259  1.00 20.03 ? 25  D2A A C18   1 
HETATM 506 C  C19   . D2A D 3 .  ? 3.401   -1.529  -7.016  1.00 32.29 ? 25  D2A A C19   1 
HETATM 507 C  C20   . D2A D 3 .  ? 4.608   -1.193  -6.407  1.00 34.27 ? 25  D2A A C20   1 
HETATM 508 C  C21   . D2A D 3 .  ? 4.715   -0.856  -5.025  1.00 20.40 ? 25  D2A A C21   1 
HETATM 509 C  C22   . D2A D 3 .  ? 5.950   -0.521  -4.439  1.00 27.90 ? 25  D2A A C22   1 
HETATM 510 N  N23   . D2A D 3 .  ? 6.833   0.316   -4.998  1.00 47.02 ? 25  D2A A N23   1 
HETATM 511 N  N24   . D2A D 3 .  ? 6.360   -1.005  -3.257  1.00 36.34 ? 25  D2A A N24   1 
HETATM 512 C  C25   . D2A D 3 .  ? -9.595  -3.018  -4.235  1.00 44.85 ? 25  D2A A C25   1 
HETATM 513 N  N26   . D2A D 3 .  ? -10.434 -3.324  -5.237  1.00 53.16 ? 25  D2A A N26   1 
HETATM 514 N  N27   . D2A D 3 .  ? -10.208 -2.905  -3.049  1.00 63.27 ? 25  D2A A N27   1 
HETATM 515 O  O     . HOH E 4 .  ? -3.457  9.328   -0.468  1.00 26.29 ? 27  HOH A O     1 
HETATM 516 O  O     . HOH E 4 .  ? -6.110  13.299  9.464   1.00 25.37 ? 31  HOH A O     1 
HETATM 517 O  O     . HOH E 4 .  ? -8.341  12.331  -8.757  1.00 22.92 ? 34  HOH A O     1 
HETATM 518 O  O     . HOH E 4 .  ? -9.006  -9.558  -2.075  1.00 25.96 ? 35  HOH A O     1 
HETATM 519 O  O     . HOH E 4 .  ? -2.960  -8.214  0.051   1.00 21.15 ? 36  HOH A O     1 
HETATM 520 O  O     . HOH E 4 .  ? -4.651  13.840  -0.395  1.00 23.25 ? 37  HOH A O     1 
HETATM 521 O  O     . HOH E 4 .  ? 4.587   -9.584  -0.747  1.00 23.22 ? 39  HOH A O     1 
HETATM 522 O  O     . HOH E 4 .  ? 0.497   -9.364  -3.092  1.00 30.27 ? 40  HOH A O     1 
HETATM 523 O  O     . HOH E 4 .  ? -5.479  -5.814  3.824   1.00 30.56 ? 41  HOH A O     1 
HETATM 524 O  O     . HOH E 4 .  ? -10.173 14.185  -8.601  1.00 28.02 ? 42  HOH A O     1 
HETATM 525 O  O     . HOH E 4 .  ? -10.211 10.076  -7.278  1.00 29.43 ? 43  HOH A O     1 
HETATM 526 O  O     . HOH E 4 .  ? -0.677  -9.681  -0.531  1.00 28.89 ? 44  HOH A O     1 
HETATM 527 O  O     . HOH E 4 .  ? -12.792 -7.147  3.900   1.00 28.69 ? 45  HOH A O     1 
HETATM 528 O  O     . HOH E 4 .  ? -3.027  -2.465  5.136   1.00 44.88 ? 47  HOH A O     1 
HETATM 529 O  O     . HOH E 4 .  ? 6.316   -8.288  -4.958  1.00 47.39 ? 48  HOH A O     1 
HETATM 530 O  O     . HOH E 4 .  ? -3.114  7.151   0.713   1.00 32.42 ? 49  HOH A O     1 
HETATM 531 O  O     . HOH E 4 .  ? -11.148 -1.216  1.015   1.00 34.35 ? 50  HOH A O     1 
HETATM 532 O  O     . HOH E 4 .  ? -12.080 14.529  -6.591  1.00 29.49 ? 51  HOH A O     1 
HETATM 533 O  O     . HOH E 4 .  ? 19.494  -6.406  -0.690  1.00 27.52 ? 52  HOH A O     1 
HETATM 534 O  O     . HOH E 4 .  ? -2.009  9.309   -2.439  1.00 28.96 ? 53  HOH A O     1 
HETATM 535 O  O     . HOH E 4 .  ? -8.846  -1.301  -0.519  1.00 36.58 ? 55  HOH A O     1 
HETATM 536 O  O     . HOH E 4 .  ? 22.417  -3.911  7.307   1.00 27.61 ? 57  HOH A O     1 
HETATM 537 O  O     . HOH E 4 .  ? -4.096  8.966   7.758   1.00 32.06 ? 58  HOH A O     1 
HETATM 538 O  O     . HOH E 4 .  ? 3.457   -8.993  -3.327  1.00 32.31 ? 59  HOH A O     1 
HETATM 539 O  O     . HOH E 4 .  ? 0.124   -8.659  3.685   1.00 32.96 ? 60  HOH A O     1 
HETATM 540 O  O     . HOH E 4 .  ? -0.638  -4.277  5.357   1.00 48.06 ? 62  HOH A O     1 
HETATM 541 O  O     . HOH E 4 .  ? -2.706  11.589  0.622   1.00 33.24 ? 64  HOH A O     1 
HETATM 542 O  O     . HOH E 4 .  ? 12.218  -2.592  0.678   1.00 40.76 ? 67  HOH A O     1 
HETATM 543 O  O     . HOH E 4 .  ? 8.027   -10.833 -1.042  1.00 46.78 ? 68  HOH A O     1 
HETATM 544 O  O     . HOH E 4 .  ? 0.888   -10.158 1.526   1.00 32.77 ? 69  HOH A O     1 
HETATM 545 O  O     . HOH E 4 .  ? -4.637  -5.064  6.397   1.00 53.94 ? 72  HOH A O     1 
HETATM 546 O  O     . HOH E 4 .  ? -3.288  2.562   5.247   1.00 33.83 ? 73  HOH A O     1 
HETATM 547 O  O     . HOH E 4 .  ? -7.387  20.445  1.340   1.00 33.40 ? 74  HOH A O     1 
HETATM 548 O  O     . HOH E 4 .  ? -1.208  0.290   5.529   1.00 38.51 ? 76  HOH A O     1 
HETATM 549 O  O     . HOH E 4 .  ? -5.261  19.450  3.386   1.00 32.48 ? 77  HOH A O     1 
HETATM 550 O  O     . HOH E 4 .  ? -12.293 -4.200  1.602   1.00 28.91 ? 79  HOH A O     1 
HETATM 551 O  O     . HOH E 4 .  ? 20.690  -3.652  2.480   1.00 36.43 ? 82  HOH A O     1 
HETATM 552 O  O     . HOH E 4 .  ? 22.242  -3.122  4.720   1.00 34.36 ? 84  HOH A O     1 
HETATM 553 O  O     . HOH E 4 .  ? -3.607  15.218  3.738   1.00 38.37 ? 85  HOH A O     1 
HETATM 554 O  O     . HOH E 4 .  ? 14.565  1.003   -4.367  1.00 36.47 ? 86  HOH A O     1 
HETATM 555 O  O     . HOH E 4 .  ? -10.797 3.579   10.214  1.00 38.50 ? 88  HOH A O     1 
HETATM 556 O  O     . HOH E 4 .  ? -8.567  -6.578  -4.265  1.00 46.66 ? 89  HOH A O     1 
HETATM 557 O  O     . HOH E 4 .  ? 11.848  -7.534  -6.385  1.00 35.93 ? 91  HOH A O     1 
HETATM 558 O  O     . HOH E 4 .  ? 3.429   -10.122 1.343   1.00 37.19 ? 92  HOH A O     1 
HETATM 559 O  O     . HOH E 4 .  ? -10.203 -6.453  -2.695  1.00 42.15 ? 93  HOH A O     1 
HETATM 560 O  O     . HOH E 4 .  ? 14.514  -8.454  -3.202  1.00 27.87 ? 94  HOH A O     1 
HETATM 561 O  O     . HOH E 4 .  ? -3.803  11.015  3.990   1.00 32.51 ? 97  HOH A O     1 
HETATM 562 O  O     . HOH E 4 .  ? -5.369  21.707  4.239   1.00 58.16 ? 99  HOH A O     1 
HETATM 563 O  O     . HOH E 4 .  ? -6.261  11.425  -3.709  1.00 20.45 ? 104 HOH A O     1 
HETATM 564 O  O     . HOH E 4 .  ? -6.804  12.145  -6.575  1.00 19.96 ? 105 HOH A O     1 
HETATM 565 O  O     . HOH E 4 .  ? -8.363  9.937   -5.261  1.00 19.55 ? 108 HOH A O     1 
HETATM 566 O  O     . HOH F 4 .  ? -3.536  7.639   -4.137  1.00 18.72 ? 28  HOH B O     1 
HETATM 567 O  O     . HOH F 4 .  ? -10.444 3.688   -8.846  1.00 26.89 ? 29  HOH B O     1 
HETATM 568 O  O     . HOH F 4 .  ? 9.300   -12.328 12.438  1.00 24.61 ? 30  HOH B O     1 
HETATM 569 O  O     . HOH F 4 .  ? -7.392  6.896   -7.350  1.00 21.81 ? 32  HOH B O     1 
HETATM 570 O  O     . HOH F 4 .  ? -12.177 7.640   -7.554  1.00 21.31 ? 33  HOH B O     1 
HETATM 571 O  O     . HOH F 4 .  ? -12.570 2.784   -1.412  1.00 28.86 ? 38  HOH B O     1 
HETATM 572 O  O     . HOH F 4 .  ? -2.440  11.651  -4.109  1.00 29.49 ? 46  HOH B O     1 
HETATM 573 O  O     . HOH F 4 .  ? 15.391  -16.893 2.636   1.00 39.89 ? 54  HOH B O     1 
HETATM 574 O  O     . HOH F 4 .  ? 8.541   -12.268 0.680   1.00 28.58 ? 56  HOH B O     1 
HETATM 575 O  O     . HOH F 4 .  ? -6.691  -1.152  -11.241 1.00 34.56 ? 61  HOH B O     1 
HETATM 576 O  O     . HOH F 4 .  ? -21.510 8.241   4.119   1.00 31.92 ? 63  HOH B O     1 
HETATM 577 O  O     . HOH F 4 .  ? -11.903 0.364   -1.883  1.00 57.93 ? 65  HOH B O     1 
HETATM 578 O  O     . HOH F 4 .  ? -10.755 -2.475  -10.600 1.00 40.02 ? 66  HOH B O     1 
HETATM 579 O  O     . HOH F 4 .  ? 2.929   6.613   -2.057  1.00 24.93 ? 70  HOH B O     1 
HETATM 580 O  O     . HOH F 4 .  ? -17.326 8.518   -5.506  1.00 35.29 ? 71  HOH B O     1 
HETATM 581 O  O     . HOH F 4 .  ? 10.110  8.085   0.836   1.00 38.49 ? 75  HOH B O     1 
HETATM 582 O  O     . HOH F 4 .  ? 4.820   -12.966 6.910   1.00 41.88 ? 78  HOH B O     1 
HETATM 583 O  O     . HOH F 4 .  ? 0.736   7.736   -9.016  1.00 39.58 ? 80  HOH B O     1 
HETATM 584 O  O     . HOH F 4 .  ? 2.532   -0.319  5.438   1.00 40.63 ? 81  HOH B O     1 
HETATM 585 O  O     . HOH F 4 .  ? 14.569  -18.902 -0.031  1.00 38.37 ? 83  HOH B O     1 
HETATM 586 O  O     . HOH F 4 .  ? -1.893  6.048   -10.431 1.00 38.30 ? 87  HOH B O     1 
HETATM 587 O  O     . HOH F 4 .  ? -15.417 10.123  -6.076  1.00 43.58 ? 90  HOH B O     1 
HETATM 588 O  O     . HOH F 4 .  ? 2.150   -3.549  5.913   1.00 43.91 ? 95  HOH B O     1 
HETATM 589 O  O     . HOH F 4 .  ? 3.170   2.705   4.724   1.00 35.17 ? 96  HOH B O     1 
HETATM 590 O  O     . HOH F 4 .  ? 12.552  -11.722 -1.355  1.00 47.63 ? 98  HOH B O     1 
HETATM 591 O  O     . HOH F 4 .  ? -15.659 -0.902  -1.793  1.00 36.96 ? 100 HOH B O     1 
HETATM 592 O  O     . HOH F 4 .  ? -22.668 5.006   2.850   1.00 38.27 ? 101 HOH B O     1 
HETATM 593 O  O     . HOH F 4 .  ? 5.102   1.963   -8.905  1.00 50.68 ? 102 HOH B O     1 
HETATM 594 O  O     . HOH F 4 .  ? -5.795  8.567   -4.517  1.00 23.73 ? 103 HOH B O     1 
HETATM 595 O  O     . HOH F 4 .  ? -6.339  9.287   -7.383  1.00 18.71 ? 106 HOH B O     1 
HETATM 596 O  O     . HOH F 4 .  ? -4.235  10.772  -5.832  1.00 19.67 ? 107 HOH B O     1 
# 
loop_
_pdbx_poly_seq_scheme.asym_id 
_pdbx_poly_seq_scheme.entity_id 
_pdbx_poly_seq_scheme.seq_id 
_pdbx_poly_seq_scheme.mon_id 
_pdbx_poly_seq_scheme.ndb_seq_num 
_pdbx_poly_seq_scheme.pdb_seq_num 
_pdbx_poly_seq_scheme.auth_seq_num 
_pdbx_poly_seq_scheme.pdb_mon_id 
_pdbx_poly_seq_scheme.auth_mon_id 
_pdbx_poly_seq_scheme.pdb_strand_id 
_pdbx_poly_seq_scheme.pdb_ins_code 
_pdbx_poly_seq_scheme.hetero 
A 1 1  DC 1  1  1  DC C A . n 
A 1 2  DG 2  2  2  DG G A . n 
A 1 3  DC 3  3  3  DC C A . n 
A 1 4  DG 4  4  4  DG G A . n 
A 1 5  DA 5  5  5  DA A A . n 
A 1 6  DA 6  6  6  DA A A . n 
A 1 7  DT 7  7  7  DT T A . n 
A 1 8  DT 8  8  8  DT T A . n 
A 1 9  DC 9  9  9  DC C A . n 
A 1 10 DG 10 10 10 DG G A . n 
A 1 11 DC 11 11 11 DC C A . n 
A 1 12 DG 12 12 12 DG G A . n 
B 1 1  DC 1  13 13 DC C B . n 
B 1 2  DG 2  14 14 DG G B . n 
B 1 3  DC 3  15 15 DC C B . n 
B 1 4  DG 4  16 16 DG G B . n 
B 1 5  DA 5  17 17 DA A B . n 
B 1 6  DA 6  18 18 DA A B . n 
B 1 7  DT 7  19 19 DT T B . n 
B 1 8  DT 8  20 20 DT T B . n 
B 1 9  DC 9  21 21 DC C B . n 
B 1 10 DG 10 22 22 DG G B . n 
B 1 11 DC 11 23 23 DC C B . n 
B 1 12 DG 12 24 24 DG G B . n 
# 
loop_
_pdbx_nonpoly_scheme.asym_id 
_pdbx_nonpoly_scheme.entity_id 
_pdbx_nonpoly_scheme.mon_id 
_pdbx_nonpoly_scheme.ndb_seq_num 
_pdbx_nonpoly_scheme.pdb_seq_num 
_pdbx_nonpoly_scheme.auth_seq_num 
_pdbx_nonpoly_scheme.pdb_mon_id 
_pdbx_nonpoly_scheme.auth_mon_id 
_pdbx_nonpoly_scheme.pdb_strand_id 
_pdbx_nonpoly_scheme.pdb_ins_code 
C 2 MG  1  26  26  MG  MO6 A . 
D 3 D2A 1  25  25  D2A D2A A . 
E 4 HOH 1  27  27  HOH HOH A . 
E 4 HOH 2  31  31  HOH HOH A . 
E 4 HOH 3  34  34  HOH HOH A . 
E 4 HOH 4  35  35  HOH HOH A . 
E 4 HOH 5  36  36  HOH HOH A . 
E 4 HOH 6  37  37  HOH HOH A . 
E 4 HOH 7  39  39  HOH HOH A . 
E 4 HOH 8  40  40  HOH HOH A . 
E 4 HOH 9  41  41  HOH HOH A . 
E 4 HOH 10 42  42  HOH HOH A . 
E 4 HOH 11 43  43  HOH HOH A . 
E 4 HOH 12 44  44  HOH HOH A . 
E 4 HOH 13 45  45  HOH HOH A . 
E 4 HOH 14 47  47  HOH HOH A . 
E 4 HOH 15 48  48  HOH HOH A . 
E 4 HOH 16 49  49  HOH HOH A . 
E 4 HOH 17 50  50  HOH HOH A . 
E 4 HOH 18 51  51  HOH HOH A . 
E 4 HOH 19 52  52  HOH HOH A . 
E 4 HOH 20 53  53  HOH HOH A . 
E 4 HOH 21 55  55  HOH HOH A . 
E 4 HOH 22 57  57  HOH HOH A . 
E 4 HOH 23 58  58  HOH HOH A . 
E 4 HOH 24 59  59  HOH HOH A . 
E 4 HOH 25 60  60  HOH HOH A . 
E 4 HOH 26 62  62  HOH HOH A . 
E 4 HOH 27 64  64  HOH HOH A . 
E 4 HOH 28 67  67  HOH HOH A . 
E 4 HOH 29 68  68  HOH HOH A . 
E 4 HOH 30 69  69  HOH HOH A . 
E 4 HOH 31 72  72  HOH HOH A . 
E 4 HOH 32 73  73  HOH HOH A . 
E 4 HOH 33 74  74  HOH HOH A . 
E 4 HOH 34 76  76  HOH HOH A . 
E 4 HOH 35 77  77  HOH HOH A . 
E 4 HOH 36 79  79  HOH HOH A . 
E 4 HOH 37 82  82  HOH HOH A . 
E 4 HOH 38 84  84  HOH HOH A . 
E 4 HOH 39 85  85  HOH HOH A . 
E 4 HOH 40 86  86  HOH HOH A . 
E 4 HOH 41 88  88  HOH HOH A . 
E 4 HOH 42 89  89  HOH HOH A . 
E 4 HOH 43 91  91  HOH HOH A . 
E 4 HOH 44 92  92  HOH HOH A . 
E 4 HOH 45 93  93  HOH HOH A . 
E 4 HOH 46 94  94  HOH HOH A . 
E 4 HOH 47 97  97  HOH HOH A . 
E 4 HOH 48 99  99  HOH HOH A . 
E 4 HOH 49 104 26  HOH MO6 A . 
E 4 HOH 50 105 26  HOH MO6 A . 
E 4 HOH 51 108 26  HOH MO6 A . 
F 4 HOH 1  28  28  HOH HOH B . 
F 4 HOH 2  29  29  HOH HOH B . 
F 4 HOH 3  30  30  HOH HOH B . 
F 4 HOH 4  32  32  HOH HOH B . 
F 4 HOH 5  33  33  HOH HOH B . 
F 4 HOH 6  38  38  HOH HOH B . 
F 4 HOH 7  46  46  HOH HOH B . 
F 4 HOH 8  54  54  HOH HOH B . 
F 4 HOH 9  56  56  HOH HOH B . 
F 4 HOH 10 61  61  HOH HOH B . 
F 4 HOH 11 63  63  HOH HOH B . 
F 4 HOH 12 65  65  HOH HOH B . 
F 4 HOH 13 66  66  HOH HOH B . 
F 4 HOH 14 70  70  HOH HOH B . 
F 4 HOH 15 71  71  HOH HOH B . 
F 4 HOH 16 75  75  HOH HOH B . 
F 4 HOH 17 78  78  HOH HOH B . 
F 4 HOH 18 80  80  HOH HOH B . 
F 4 HOH 19 81  81  HOH HOH B . 
F 4 HOH 20 83  83  HOH HOH B . 
F 4 HOH 21 87  87  HOH HOH B . 
F 4 HOH 22 90  90  HOH HOH B . 
F 4 HOH 23 95  95  HOH HOH B . 
F 4 HOH 24 96  96  HOH HOH B . 
F 4 HOH 25 98  98  HOH HOH B . 
F 4 HOH 26 100 100 HOH HOH B . 
F 4 HOH 27 101 101 HOH HOH B . 
F 4 HOH 28 102 102 HOH HOH B . 
F 4 HOH 29 103 26  HOH MO6 B . 
F 4 HOH 30 106 26  HOH MO6 B . 
F 4 HOH 31 107 26  HOH MO6 B . 
# 
_struct_site_keywords.site_id   1 
_struct_site_keywords.text      'minor groove binder' 
# 
_pdbx_struct_assembly.id                   1 
_pdbx_struct_assembly.details              author_defined_assembly 
_pdbx_struct_assembly.method_details       ? 
_pdbx_struct_assembly.oligomeric_details   dimeric 
_pdbx_struct_assembly.oligomeric_count     2 
# 
_pdbx_struct_assembly_gen.assembly_id       1 
_pdbx_struct_assembly_gen.oper_expression   1 
_pdbx_struct_assembly_gen.asym_id_list      A,B,C,D,E,F 
# 
_pdbx_struct_oper_list.id                   1 
_pdbx_struct_oper_list.type                 'identity operation' 
_pdbx_struct_oper_list.name                 1_555 
_pdbx_struct_oper_list.symmetry_operation   x,y,z 
_pdbx_struct_oper_list.matrix[1][1]         1.0000000000 
_pdbx_struct_oper_list.matrix[1][2]         0.0000000000 
_pdbx_struct_oper_list.matrix[1][3]         0.0000000000 
_pdbx_struct_oper_list.vector[1]            0.0000000000 
_pdbx_struct_oper_list.matrix[2][1]         0.0000000000 
_pdbx_struct_oper_list.matrix[2][2]         1.0000000000 
_pdbx_struct_oper_list.matrix[2][3]         0.0000000000 
_pdbx_struct_oper_list.vector[2]            0.0000000000 
_pdbx_struct_oper_list.matrix[3][1]         0.0000000000 
_pdbx_struct_oper_list.matrix[3][2]         0.0000000000 
_pdbx_struct_oper_list.matrix[3][3]         1.0000000000 
_pdbx_struct_oper_list.vector[3]            0.0000000000 
# 
loop_
_pdbx_struct_conn_angle.id 
_pdbx_struct_conn_angle.ptnr1_label_atom_id 
_pdbx_struct_conn_angle.ptnr1_label_alt_id 
_pdbx_struct_conn_angle.ptnr1_label_asym_id 
_pdbx_struct_conn_angle.ptnr1_label_comp_id 
_pdbx_struct_conn_angle.ptnr1_label_seq_id 
_pdbx_struct_conn_angle.ptnr1_auth_atom_id 
_pdbx_struct_conn_angle.ptnr1_auth_asym_id 
_pdbx_struct_conn_angle.ptnr1_auth_comp_id 
_pdbx_struct_conn_angle.ptnr1_auth_seq_id 
_pdbx_struct_conn_angle.ptnr1_PDB_ins_code 
_pdbx_struct_conn_angle.ptnr1_symmetry 
_pdbx_struct_conn_angle.ptnr2_label_atom_id 
_pdbx_struct_conn_angle.ptnr2_label_alt_id 
_pdbx_struct_conn_angle.ptnr2_label_asym_id 
_pdbx_struct_conn_angle.ptnr2_label_comp_id 
_pdbx_struct_conn_angle.ptnr2_label_seq_id 
_pdbx_struct_conn_angle.ptnr2_auth_atom_id 
_pdbx_struct_conn_angle.ptnr2_auth_asym_id 
_pdbx_struct_conn_angle.ptnr2_auth_comp_id 
_pdbx_struct_conn_angle.ptnr2_auth_seq_id 
_pdbx_struct_conn_angle.ptnr2_PDB_ins_code 
_pdbx_struct_conn_angle.ptnr2_symmetry 
_pdbx_struct_conn_angle.ptnr3_label_atom_id 
_pdbx_struct_conn_angle.ptnr3_label_alt_id 
_pdbx_struct_conn_angle.ptnr3_label_asym_id 
_pdbx_struct_conn_angle.ptnr3_label_comp_id 
_pdbx_struct_conn_angle.ptnr3_label_seq_id 
_pdbx_struct_conn_angle.ptnr3_auth_atom_id 
_pdbx_struct_conn_angle.ptnr3_auth_asym_id 
_pdbx_struct_conn_angle.ptnr3_auth_comp_id 
_pdbx_struct_conn_angle.ptnr3_auth_seq_id 
_pdbx_struct_conn_angle.ptnr3_PDB_ins_code 
_pdbx_struct_conn_angle.ptnr3_symmetry 
_pdbx_struct_conn_angle.value 
_pdbx_struct_conn_angle.value_esd 
1  O ? E HOH . ? A HOH 104 ? 1_555 MG ? C MG . ? A MG 26 ? 1_555 O ? E HOH . ? A HOH 105 ? 1_555 90.0  ? 
2  O ? E HOH . ? A HOH 104 ? 1_555 MG ? C MG . ? A MG 26 ? 1_555 O ? E HOH . ? A HOH 108 ? 1_555 90.0  ? 
3  O ? E HOH . ? A HOH 105 ? 1_555 MG ? C MG . ? A MG 26 ? 1_555 O ? E HOH . ? A HOH 108 ? 1_555 90.0  ? 
4  O ? E HOH . ? A HOH 104 ? 1_555 MG ? C MG . ? A MG 26 ? 1_555 O ? F HOH . ? B HOH 103 ? 1_555 90.0  ? 
5  O ? E HOH . ? A HOH 105 ? 1_555 MG ? C MG . ? A MG 26 ? 1_555 O ? F HOH . ? B HOH 103 ? 1_555 180.0 ? 
6  O ? E HOH . ? A HOH 108 ? 1_555 MG ? C MG . ? A MG 26 ? 1_555 O ? F HOH . ? B HOH 103 ? 1_555 90.0  ? 
7  O ? E HOH . ? A HOH 104 ? 1_555 MG ? C MG . ? A MG 26 ? 1_555 O ? F HOH . ? B HOH 106 ? 1_555 179.9 ? 
8  O ? E HOH . ? A HOH 105 ? 1_555 MG ? C MG . ? A MG 26 ? 1_555 O ? F HOH . ? B HOH 106 ? 1_555 90.0  ? 
9  O ? E HOH . ? A HOH 108 ? 1_555 MG ? C MG . ? A MG 26 ? 1_555 O ? F HOH . ? B HOH 106 ? 1_555 89.9  ? 
10 O ? F HOH . ? B HOH 103 ? 1_555 MG ? C MG . ? A MG 26 ? 1_555 O ? F HOH . ? B HOH 106 ? 1_555 90.0  ? 
11 O ? E HOH . ? A HOH 104 ? 1_555 MG ? C MG . ? A MG 26 ? 1_555 O ? F HOH . ? B HOH 107 ? 1_555 90.0  ? 
12 O ? E HOH . ? A HOH 105 ? 1_555 MG ? C MG . ? A MG 26 ? 1_555 O ? F HOH . ? B HOH 107 ? 1_555 90.0  ? 
13 O ? E HOH . ? A HOH 108 ? 1_555 MG ? C MG . ? A MG 26 ? 1_555 O ? F HOH . ? B HOH 107 ? 1_555 179.9 ? 
14 O ? F HOH . ? B HOH 103 ? 1_555 MG ? C MG . ? A MG 26 ? 1_555 O ? F HOH . ? B HOH 107 ? 1_555 90.0  ? 
15 O ? F HOH . ? B HOH 106 ? 1_555 MG ? C MG . ? A MG 26 ? 1_555 O ? F HOH . ? B HOH 107 ? 1_555 90.0  ? 
# 
loop_
_pdbx_audit_revision_history.ordinal 
_pdbx_audit_revision_history.data_content_type 
_pdbx_audit_revision_history.major_revision 
_pdbx_audit_revision_history.minor_revision 
_pdbx_audit_revision_history.revision_date 
1 'Structure model' 1 0 2005-11-22 
2 'Structure model' 1 1 2008-05-01 
3 'Structure model' 1 2 2011-07-13 
4 'Structure model' 1 3 2019-07-24 
5 'Structure model' 1 4 2023-08-23 
# 
_pdbx_audit_revision_details.ordinal             1 
_pdbx_audit_revision_details.revision_ordinal    1 
_pdbx_audit_revision_details.data_content_type   'Structure model' 
_pdbx_audit_revision_details.provider            repository 
_pdbx_audit_revision_details.type                'Initial release' 
_pdbx_audit_revision_details.description         ? 
_pdbx_audit_revision_details.details             ? 
# 
loop_
_pdbx_audit_revision_group.ordinal 
_pdbx_audit_revision_group.revision_ordinal 
_pdbx_audit_revision_group.data_content_type 
_pdbx_audit_revision_group.group 
1 2 'Structure model' 'Version format compliance' 
2 3 'Structure model' 'Version format compliance' 
3 4 'Structure model' 'Data collection'           
4 4 'Structure model' 'Refinement description'    
5 5 'Structure model' 'Data collection'           
6 5 'Structure model' 'Database references'       
7 5 'Structure model' 'Derived calculations'      
8 5 'Structure model' 'Refinement description'    
# 
loop_
_pdbx_audit_revision_category.ordinal 
_pdbx_audit_revision_category.revision_ordinal 
_pdbx_audit_revision_category.data_content_type 
_pdbx_audit_revision_category.category 
1 4 'Structure model' software                      
2 5 'Structure model' chem_comp_atom                
3 5 'Structure model' chem_comp_bond                
4 5 'Structure model' database_2                    
5 5 'Structure model' pdbx_initial_refinement_model 
6 5 'Structure model' pdbx_struct_conn_angle        
7 5 'Structure model' struct_conn                   
8 5 'Structure model' struct_site                   
# 
loop_
_pdbx_audit_revision_item.ordinal 
_pdbx_audit_revision_item.revision_ordinal 
_pdbx_audit_revision_item.data_content_type 
_pdbx_audit_revision_item.item 
1  4 'Structure model' '_software.classification'                    
2  4 'Structure model' '_software.name'                              
3  5 'Structure model' '_database_2.pdbx_DOI'                        
4  5 'Structure model' '_database_2.pdbx_database_accession'         
5  5 'Structure model' '_pdbx_struct_conn_angle.ptnr1_auth_asym_id'  
6  5 'Structure model' '_pdbx_struct_conn_angle.ptnr1_auth_seq_id'   
7  5 'Structure model' '_pdbx_struct_conn_angle.ptnr1_label_asym_id' 
8  5 'Structure model' '_pdbx_struct_conn_angle.ptnr3_auth_asym_id'  
9  5 'Structure model' '_pdbx_struct_conn_angle.ptnr3_auth_seq_id'   
10 5 'Structure model' '_pdbx_struct_conn_angle.ptnr3_label_asym_id' 
11 5 'Structure model' '_pdbx_struct_conn_angle.value'               
12 5 'Structure model' '_struct_conn.pdbx_dist_value'                
13 5 'Structure model' '_struct_conn.ptnr2_auth_asym_id'             
14 5 'Structure model' '_struct_conn.ptnr2_auth_seq_id'              
15 5 'Structure model' '_struct_conn.ptnr2_label_asym_id'            
16 5 'Structure model' '_struct_site.pdbx_auth_asym_id'              
17 5 'Structure model' '_struct_site.pdbx_auth_comp_id'              
18 5 'Structure model' '_struct_site.pdbx_auth_seq_id'               
# 
loop_
_software.name 
_software.classification 
_software.version 
_software.citation_id 
_software.pdbx_ordinal 
SHELXL-97 refinement       . ? 1 
SCALEPACK 'data scaling'   . ? 2 
CNS       refinement       . ? 3 
DENZO     'data reduction' . ? 4 
CNS       phasing          . ? 5 
# 
loop_
_chem_comp_atom.comp_id 
_chem_comp_atom.atom_id 
_chem_comp_atom.type_symbol 
_chem_comp_atom.pdbx_aromatic_flag 
_chem_comp_atom.pdbx_stereo_config 
_chem_comp_atom.pdbx_ordinal 
D2A C1     C  Y N 1   
D2A C2     C  Y N 2   
D2A C3     C  Y N 3   
D2A C4     C  Y N 4   
D2A C5     C  Y N 5   
D2A C6     C  Y N 6   
D2A C7     C  Y N 7   
D2A C8     C  Y N 8   
D2A C9     C  Y N 9   
D2A C10    C  Y N 10  
D2A C11    C  Y N 11  
D2A C12    C  Y N 12  
D2A C13    C  Y N 13  
D2A N14    N  Y N 14  
D2A C15    C  Y N 15  
D2A C16    C  Y N 16  
D2A N17    N  Y N 17  
D2A C18    C  Y N 18  
D2A C19    C  Y N 19  
D2A C20    C  Y N 20  
D2A C21    C  Y N 21  
D2A C22    C  N N 22  
D2A N23    N  N N 23  
D2A N24    N  N N 24  
D2A C25    C  N N 25  
D2A N26    N  N N 26  
D2A N27    N  N N 27  
D2A H1     H  N N 28  
D2A H2     H  N N 29  
D2A H4     H  N N 30  
D2A H5     H  N N 31  
D2A H8     H  N N 32  
D2A H9     H  N N 33  
D2A H11    H  N N 34  
D2A H12    H  N N 35  
D2A H17    H  N N 36  
D2A H18    H  N N 37  
D2A H19    H  N N 38  
D2A H20    H  N N 39  
D2A H231   H  N N 40  
D2A H232   H  N N 41  
D2A H24    H  N N 42  
D2A H261   H  N N 43  
D2A H262   H  N N 44  
D2A H27    H  N N 45  
DA  OP3    O  N N 46  
DA  P      P  N N 47  
DA  OP1    O  N N 48  
DA  OP2    O  N N 49  
DA  "O5'"  O  N N 50  
DA  "C5'"  C  N N 51  
DA  "C4'"  C  N R 52  
DA  "O4'"  O  N N 53  
DA  "C3'"  C  N S 54  
DA  "O3'"  O  N N 55  
DA  "C2'"  C  N N 56  
DA  "C1'"  C  N R 57  
DA  N9     N  Y N 58  
DA  C8     C  Y N 59  
DA  N7     N  Y N 60  
DA  C5     C  Y N 61  
DA  C6     C  Y N 62  
DA  N6     N  N N 63  
DA  N1     N  Y N 64  
DA  C2     C  Y N 65  
DA  N3     N  Y N 66  
DA  C4     C  Y N 67  
DA  HOP3   H  N N 68  
DA  HOP2   H  N N 69  
DA  "H5'"  H  N N 70  
DA  "H5''" H  N N 71  
DA  "H4'"  H  N N 72  
DA  "H3'"  H  N N 73  
DA  "HO3'" H  N N 74  
DA  "H2'"  H  N N 75  
DA  "H2''" H  N N 76  
DA  "H1'"  H  N N 77  
DA  H8     H  N N 78  
DA  H61    H  N N 79  
DA  H62    H  N N 80  
DA  H2     H  N N 81  
DC  OP3    O  N N 82  
DC  P      P  N N 83  
DC  OP1    O  N N 84  
DC  OP2    O  N N 85  
DC  "O5'"  O  N N 86  
DC  "C5'"  C  N N 87  
DC  "C4'"  C  N R 88  
DC  "O4'"  O  N N 89  
DC  "C3'"  C  N S 90  
DC  "O3'"  O  N N 91  
DC  "C2'"  C  N N 92  
DC  "C1'"  C  N R 93  
DC  N1     N  N N 94  
DC  C2     C  N N 95  
DC  O2     O  N N 96  
DC  N3     N  N N 97  
DC  C4     C  N N 98  
DC  N4     N  N N 99  
DC  C5     C  N N 100 
DC  C6     C  N N 101 
DC  HOP3   H  N N 102 
DC  HOP2   H  N N 103 
DC  "H5'"  H  N N 104 
DC  "H5''" H  N N 105 
DC  "H4'"  H  N N 106 
DC  "H3'"  H  N N 107 
DC  "HO3'" H  N N 108 
DC  "H2'"  H  N N 109 
DC  "H2''" H  N N 110 
DC  "H1'"  H  N N 111 
DC  H41    H  N N 112 
DC  H42    H  N N 113 
DC  H5     H  N N 114 
DC  H6     H  N N 115 
DG  OP3    O  N N 116 
DG  P      P  N N 117 
DG  OP1    O  N N 118 
DG  OP2    O  N N 119 
DG  "O5'"  O  N N 120 
DG  "C5'"  C  N N 121 
DG  "C4'"  C  N R 122 
DG  "O4'"  O  N N 123 
DG  "C3'"  C  N S 124 
DG  "O3'"  O  N N 125 
DG  "C2'"  C  N N 126 
DG  "C1'"  C  N R 127 
DG  N9     N  Y N 128 
DG  C8     C  Y N 129 
DG  N7     N  Y N 130 
DG  C5     C  Y N 131 
DG  C6     C  N N 132 
DG  O6     O  N N 133 
DG  N1     N  N N 134 
DG  C2     C  N N 135 
DG  N2     N  N N 136 
DG  N3     N  N N 137 
DG  C4     C  Y N 138 
DG  HOP3   H  N N 139 
DG  HOP2   H  N N 140 
DG  "H5'"  H  N N 141 
DG  "H5''" H  N N 142 
DG  "H4'"  H  N N 143 
DG  "H3'"  H  N N 144 
DG  "HO3'" H  N N 145 
DG  "H2'"  H  N N 146 
DG  "H2''" H  N N 147 
DG  "H1'"  H  N N 148 
DG  H8     H  N N 149 
DG  H1     H  N N 150 
DG  H21    H  N N 151 
DG  H22    H  N N 152 
DT  OP3    O  N N 153 
DT  P      P  N N 154 
DT  OP1    O  N N 155 
DT  OP2    O  N N 156 
DT  "O5'"  O  N N 157 
DT  "C5'"  C  N N 158 
DT  "C4'"  C  N R 159 
DT  "O4'"  O  N N 160 
DT  "C3'"  C  N S 161 
DT  "O3'"  O  N N 162 
DT  "C2'"  C  N N 163 
DT  "C1'"  C  N R 164 
DT  N1     N  N N 165 
DT  C2     C  N N 166 
DT  O2     O  N N 167 
DT  N3     N  N N 168 
DT  C4     C  N N 169 
DT  O4     O  N N 170 
DT  C5     C  N N 171 
DT  C7     C  N N 172 
DT  C6     C  N N 173 
DT  HOP3   H  N N 174 
DT  HOP2   H  N N 175 
DT  "H5'"  H  N N 176 
DT  "H5''" H  N N 177 
DT  "H4'"  H  N N 178 
DT  "H3'"  H  N N 179 
DT  "HO3'" H  N N 180 
DT  "H2'"  H  N N 181 
DT  "H2''" H  N N 182 
DT  "H1'"  H  N N 183 
DT  H3     H  N N 184 
DT  H71    H  N N 185 
DT  H72    H  N N 186 
DT  H73    H  N N 187 
DT  H6     H  N N 188 
HOH O      O  N N 189 
HOH H1     H  N N 190 
HOH H2     H  N N 191 
MG  MG     MG N N 192 
# 
loop_
_chem_comp_bond.comp_id 
_chem_comp_bond.atom_id_1 
_chem_comp_bond.atom_id_2 
_chem_comp_bond.value_order 
_chem_comp_bond.pdbx_aromatic_flag 
_chem_comp_bond.pdbx_stereo_config 
_chem_comp_bond.pdbx_ordinal 
D2A C1    C2     doub Y N 1   
D2A C1    C6     sing Y N 2   
D2A C1    H1     sing N N 3   
D2A C2    C3     sing Y N 4   
D2A C2    H2     sing N N 5   
D2A C3    C4     doub Y N 6   
D2A C3    C7     sing Y N 7   
D2A C4    C5     sing Y N 8   
D2A C4    H4     sing N N 9   
D2A C5    C6     doub Y N 10  
D2A C5    H5     sing N N 11  
D2A C6    C25    sing N N 12  
D2A C7    C8     doub Y N 13  
D2A C7    C12    sing Y N 14  
D2A C8    C9     sing Y N 15  
D2A C8    H8     sing N N 16  
D2A C9    C10    doub Y N 17  
D2A C9    H9     sing N N 18  
D2A C10   C11    sing Y N 19  
D2A C10   C13    sing Y N 20  
D2A C11   C12    doub Y N 21  
D2A C11   H11    sing N N 22  
D2A C12   H12    sing N N 23  
D2A C13   N14    doub Y N 24  
D2A C13   N17    sing Y N 25  
D2A N14   C15    sing Y N 26  
D2A C15   C16    doub Y N 27  
D2A C15   C19    sing Y N 28  
D2A C16   N17    sing Y N 29  
D2A C16   C18    sing Y N 30  
D2A N17   H17    sing N N 31  
D2A C18   C21    doub Y N 32  
D2A C18   H18    sing N N 33  
D2A C19   C20    doub Y N 34  
D2A C19   H19    sing N N 35  
D2A C20   C21    sing Y N 36  
D2A C20   H20    sing N N 37  
D2A C21   C22    sing N N 38  
D2A C22   N23    sing N N 39  
D2A C22   N24    doub N E 40  
D2A N23   H231   sing N N 41  
D2A N23   H232   sing N N 42  
D2A N24   H24    sing N N 43  
D2A C25   N26    sing N N 44  
D2A C25   N27    doub N N 45  
D2A N26   H261   sing N N 46  
D2A N26   H262   sing N N 47  
D2A N27   H27    sing N N 48  
DA  OP3   P      sing N N 49  
DA  OP3   HOP3   sing N N 50  
DA  P     OP1    doub N N 51  
DA  P     OP2    sing N N 52  
DA  P     "O5'"  sing N N 53  
DA  OP2   HOP2   sing N N 54  
DA  "O5'" "C5'"  sing N N 55  
DA  "C5'" "C4'"  sing N N 56  
DA  "C5'" "H5'"  sing N N 57  
DA  "C5'" "H5''" sing N N 58  
DA  "C4'" "O4'"  sing N N 59  
DA  "C4'" "C3'"  sing N N 60  
DA  "C4'" "H4'"  sing N N 61  
DA  "O4'" "C1'"  sing N N 62  
DA  "C3'" "O3'"  sing N N 63  
DA  "C3'" "C2'"  sing N N 64  
DA  "C3'" "H3'"  sing N N 65  
DA  "O3'" "HO3'" sing N N 66  
DA  "C2'" "C1'"  sing N N 67  
DA  "C2'" "H2'"  sing N N 68  
DA  "C2'" "H2''" sing N N 69  
DA  "C1'" N9     sing N N 70  
DA  "C1'" "H1'"  sing N N 71  
DA  N9    C8     sing Y N 72  
DA  N9    C4     sing Y N 73  
DA  C8    N7     doub Y N 74  
DA  C8    H8     sing N N 75  
DA  N7    C5     sing Y N 76  
DA  C5    C6     sing Y N 77  
DA  C5    C4     doub Y N 78  
DA  C6    N6     sing N N 79  
DA  C6    N1     doub Y N 80  
DA  N6    H61    sing N N 81  
DA  N6    H62    sing N N 82  
DA  N1    C2     sing Y N 83  
DA  C2    N3     doub Y N 84  
DA  C2    H2     sing N N 85  
DA  N3    C4     sing Y N 86  
DC  OP3   P      sing N N 87  
DC  OP3   HOP3   sing N N 88  
DC  P     OP1    doub N N 89  
DC  P     OP2    sing N N 90  
DC  P     "O5'"  sing N N 91  
DC  OP2   HOP2   sing N N 92  
DC  "O5'" "C5'"  sing N N 93  
DC  "C5'" "C4'"  sing N N 94  
DC  "C5'" "H5'"  sing N N 95  
DC  "C5'" "H5''" sing N N 96  
DC  "C4'" "O4'"  sing N N 97  
DC  "C4'" "C3'"  sing N N 98  
DC  "C4'" "H4'"  sing N N 99  
DC  "O4'" "C1'"  sing N N 100 
DC  "C3'" "O3'"  sing N N 101 
DC  "C3'" "C2'"  sing N N 102 
DC  "C3'" "H3'"  sing N N 103 
DC  "O3'" "HO3'" sing N N 104 
DC  "C2'" "C1'"  sing N N 105 
DC  "C2'" "H2'"  sing N N 106 
DC  "C2'" "H2''" sing N N 107 
DC  "C1'" N1     sing N N 108 
DC  "C1'" "H1'"  sing N N 109 
DC  N1    C2     sing N N 110 
DC  N1    C6     sing N N 111 
DC  C2    O2     doub N N 112 
DC  C2    N3     sing N N 113 
DC  N3    C4     doub N N 114 
DC  C4    N4     sing N N 115 
DC  C4    C5     sing N N 116 
DC  N4    H41    sing N N 117 
DC  N4    H42    sing N N 118 
DC  C5    C6     doub N N 119 
DC  C5    H5     sing N N 120 
DC  C6    H6     sing N N 121 
DG  OP3   P      sing N N 122 
DG  OP3   HOP3   sing N N 123 
DG  P     OP1    doub N N 124 
DG  P     OP2    sing N N 125 
DG  P     "O5'"  sing N N 126 
DG  OP2   HOP2   sing N N 127 
DG  "O5'" "C5'"  sing N N 128 
DG  "C5'" "C4'"  sing N N 129 
DG  "C5'" "H5'"  sing N N 130 
DG  "C5'" "H5''" sing N N 131 
DG  "C4'" "O4'"  sing N N 132 
DG  "C4'" "C3'"  sing N N 133 
DG  "C4'" "H4'"  sing N N 134 
DG  "O4'" "C1'"  sing N N 135 
DG  "C3'" "O3'"  sing N N 136 
DG  "C3'" "C2'"  sing N N 137 
DG  "C3'" "H3'"  sing N N 138 
DG  "O3'" "HO3'" sing N N 139 
DG  "C2'" "C1'"  sing N N 140 
DG  "C2'" "H2'"  sing N N 141 
DG  "C2'" "H2''" sing N N 142 
DG  "C1'" N9     sing N N 143 
DG  "C1'" "H1'"  sing N N 144 
DG  N9    C8     sing Y N 145 
DG  N9    C4     sing Y N 146 
DG  C8    N7     doub Y N 147 
DG  C8    H8     sing N N 148 
DG  N7    C5     sing Y N 149 
DG  C5    C6     sing N N 150 
DG  C5    C4     doub Y N 151 
DG  C6    O6     doub N N 152 
DG  C6    N1     sing N N 153 
DG  N1    C2     sing N N 154 
DG  N1    H1     sing N N 155 
DG  C2    N2     sing N N 156 
DG  C2    N3     doub N N 157 
DG  N2    H21    sing N N 158 
DG  N2    H22    sing N N 159 
DG  N3    C4     sing N N 160 
DT  OP3   P      sing N N 161 
DT  OP3   HOP3   sing N N 162 
DT  P     OP1    doub N N 163 
DT  P     OP2    sing N N 164 
DT  P     "O5'"  sing N N 165 
DT  OP2   HOP2   sing N N 166 
DT  "O5'" "C5'"  sing N N 167 
DT  "C5'" "C4'"  sing N N 168 
DT  "C5'" "H5'"  sing N N 169 
DT  "C5'" "H5''" sing N N 170 
DT  "C4'" "O4'"  sing N N 171 
DT  "C4'" "C3'"  sing N N 172 
DT  "C4'" "H4'"  sing N N 173 
DT  "O4'" "C1'"  sing N N 174 
DT  "C3'" "O3'"  sing N N 175 
DT  "C3'" "C2'"  sing N N 176 
DT  "C3'" "H3'"  sing N N 177 
DT  "O3'" "HO3'" sing N N 178 
DT  "C2'" "C1'"  sing N N 179 
DT  "C2'" "H2'"  sing N N 180 
DT  "C2'" "H2''" sing N N 181 
DT  "C1'" N1     sing N N 182 
DT  "C1'" "H1'"  sing N N 183 
DT  N1    C2     sing N N 184 
DT  N1    C6     sing N N 185 
DT  C2    O2     doub N N 186 
DT  C2    N3     sing N N 187 
DT  N3    C4     sing N N 188 
DT  N3    H3     sing N N 189 
DT  C4    O4     doub N N 190 
DT  C4    C5     sing N N 191 
DT  C5    C7     sing N N 192 
DT  C5    C6     doub N N 193 
DT  C7    H71    sing N N 194 
DT  C7    H72    sing N N 195 
DT  C7    H73    sing N N 196 
DT  C6    H6     sing N N 197 
HOH O     H1     sing N N 198 
HOH O     H2     sing N N 199 
# 
loop_
_ndb_struct_conf_na.entry_id 
_ndb_struct_conf_na.feature 
2B0K 'double helix'        
2B0K 'b-form double helix' 
# 
loop_
_ndb_struct_na_base_pair.model_number 
_ndb_struct_na_base_pair.i_label_asym_id 
_ndb_struct_na_base_pair.i_label_comp_id 
_ndb_struct_na_base_pair.i_label_seq_id 
_ndb_struct_na_base_pair.i_symmetry 
_ndb_struct_na_base_pair.j_label_asym_id 
_ndb_struct_na_base_pair.j_label_comp_id 
_ndb_struct_na_base_pair.j_label_seq_id 
_ndb_struct_na_base_pair.j_symmetry 
_ndb_struct_na_base_pair.shear 
_ndb_struct_na_base_pair.stretch 
_ndb_struct_na_base_pair.stagger 
_ndb_struct_na_base_pair.buckle 
_ndb_struct_na_base_pair.propeller 
_ndb_struct_na_base_pair.opening 
_ndb_struct_na_base_pair.pair_number 
_ndb_struct_na_base_pair.pair_name 
_ndb_struct_na_base_pair.i_auth_asym_id 
_ndb_struct_na_base_pair.i_auth_seq_id 
_ndb_struct_na_base_pair.i_PDB_ins_code 
_ndb_struct_na_base_pair.j_auth_asym_id 
_ndb_struct_na_base_pair.j_auth_seq_id 
_ndb_struct_na_base_pair.j_PDB_ins_code 
_ndb_struct_na_base_pair.hbond_type_28 
_ndb_struct_na_base_pair.hbond_type_12 
1 A DC 1  1_555 B DG 12 1_555 0.291  -0.190 0.110  3.664  -21.433 2.466  1  A_DC1:DG24_B  A 1  ? B 24 ? 19 1 
1 A DG 2  1_555 B DC 11 1_555 -0.065 -0.103 0.018  -2.603 -7.106  -3.894 2  A_DG2:DC23_B  A 2  ? B 23 ? 19 1 
1 A DC 3  1_555 B DG 10 1_555 0.129  -0.022 0.415  -3.113 -8.278  1.857  3  A_DC3:DG22_B  A 3  ? B 22 ? 19 1 
1 A DG 4  1_555 B DC 9  1_555 -0.235 -0.201 0.162  13.015 -14.277 -1.809 4  A_DG4:DC21_B  A 4  ? B 21 ? 19 1 
1 A DA 5  1_555 B DT 8  1_555 0.257  -0.025 0.085  11.573 -23.795 2.408  5  A_DA5:DT20_B  A 5  ? B 20 ? 20 1 
1 A DA 6  1_555 B DT 7  1_555 0.293  -0.036 0.141  2.571  -24.016 8.083  6  A_DA6:DT19_B  A 6  ? B 19 ? 20 1 
1 A DT 7  1_555 B DA 6  1_555 0.049  -0.124 0.139  -1.767 -22.040 6.909  7  A_DT7:DA18_B  A 7  ? B 18 ? 20 1 
1 A DT 8  1_555 B DA 5  1_555 -0.099 -0.022 0.069  -7.618 -22.712 3.431  8  A_DT8:DA17_B  A 8  ? B 17 ? 20 1 
1 A DC 9  1_555 B DG 4  1_555 0.253  -0.150 -0.323 -8.607 -14.290 -1.828 9  A_DC9:DG16_B  A 9  ? B 16 ? 19 1 
1 A DG 10 1_555 B DC 3  1_555 0.032  -0.127 -0.045 8.524  -5.534  3.801  10 A_DG10:DC15_B A 10 ? B 15 ? 19 1 
1 A DC 11 1_555 B DG 2  1_555 0.223  -0.306 0.561  1.153  -25.097 -8.039 11 A_DC11:DG14_B A 11 ? B 14 ? 19 1 
1 A DG 12 1_555 B DC 1  1_555 -0.471 -0.122 -0.079 12.030 20.227  0.300  12 A_DG12:DC13_B A 12 ? B 13 ? 19 1 
# 
loop_
_ndb_struct_na_base_pair_step.model_number 
_ndb_struct_na_base_pair_step.i_label_asym_id_1 
_ndb_struct_na_base_pair_step.i_label_comp_id_1 
_ndb_struct_na_base_pair_step.i_label_seq_id_1 
_ndb_struct_na_base_pair_step.i_symmetry_1 
_ndb_struct_na_base_pair_step.j_label_asym_id_1 
_ndb_struct_na_base_pair_step.j_label_comp_id_1 
_ndb_struct_na_base_pair_step.j_label_seq_id_1 
_ndb_struct_na_base_pair_step.j_symmetry_1 
_ndb_struct_na_base_pair_step.i_label_asym_id_2 
_ndb_struct_na_base_pair_step.i_label_comp_id_2 
_ndb_struct_na_base_pair_step.i_label_seq_id_2 
_ndb_struct_na_base_pair_step.i_symmetry_2 
_ndb_struct_na_base_pair_step.j_label_asym_id_2 
_ndb_struct_na_base_pair_step.j_label_comp_id_2 
_ndb_struct_na_base_pair_step.j_label_seq_id_2 
_ndb_struct_na_base_pair_step.j_symmetry_2 
_ndb_struct_na_base_pair_step.shift 
_ndb_struct_na_base_pair_step.slide 
_ndb_struct_na_base_pair_step.rise 
_ndb_struct_na_base_pair_step.tilt 
_ndb_struct_na_base_pair_step.roll 
_ndb_struct_na_base_pair_step.twist 
_ndb_struct_na_base_pair_step.x_displacement 
_ndb_struct_na_base_pair_step.y_displacement 
_ndb_struct_na_base_pair_step.helical_rise 
_ndb_struct_na_base_pair_step.inclination 
_ndb_struct_na_base_pair_step.tip 
_ndb_struct_na_base_pair_step.helical_twist 
_ndb_struct_na_base_pair_step.step_number 
_ndb_struct_na_base_pair_step.step_name 
_ndb_struct_na_base_pair_step.i_auth_asym_id_1 
_ndb_struct_na_base_pair_step.i_auth_seq_id_1 
_ndb_struct_na_base_pair_step.i_PDB_ins_code_1 
_ndb_struct_na_base_pair_step.j_auth_asym_id_1 
_ndb_struct_na_base_pair_step.j_auth_seq_id_1 
_ndb_struct_na_base_pair_step.j_PDB_ins_code_1 
_ndb_struct_na_base_pair_step.i_auth_asym_id_2 
_ndb_struct_na_base_pair_step.i_auth_seq_id_2 
_ndb_struct_na_base_pair_step.i_PDB_ins_code_2 
_ndb_struct_na_base_pair_step.j_auth_asym_id_2 
_ndb_struct_na_base_pair_step.j_auth_seq_id_2 
_ndb_struct_na_base_pair_step.j_PDB_ins_code_2 
1 A DC 1  1_555 B DG 12 1_555 A DG 2  1_555 B DC 11 1_555 -0.474 0.126  3.524 1.451  8.678   34.432 -1.166 1.007  3.431 14.371  
-2.403  35.506 1  AA_DC1DG2:DC23DG24_BB   A 1  ? B 24 ? A 2  ? B 23 ? 
1 A DG 2  1_555 B DC 11 1_555 A DC 3  1_555 B DG 10 1_555 0.897  0.563  3.289 -1.247 -2.105  39.213 1.088  -1.482 3.227 -3.132  
1.856   39.287 2  AA_DG2DC3:DG22DC23_BB   A 2  ? B 23 ? A 3  ? B 22 ? 
1 A DC 3  1_555 B DG 10 1_555 A DG 4  1_555 B DC 9  1_555 -0.594 0.587  3.056 2.464  10.118  27.691 -0.910 1.666  3.016 20.255  
-4.933  29.549 3  AA_DC3DG4:DC21DG22_BB   A 3  ? B 22 ? A 4  ? B 21 ? 
1 A DG 4  1_555 B DC 9  1_555 A DA 5  1_555 B DT 8  1_555 0.036  0.004  3.398 -0.339 -1.000  39.207 0.130  -0.096 3.396 -1.490  
0.505   39.220 4  AA_DG4DA5:DT20DC21_BB   A 4  ? B 21 ? A 5  ? B 20 ? 
1 A DA 5  1_555 B DT 8  1_555 A DA 6  1_555 B DT 7  1_555 0.494  -0.323 3.380 0.970  4.562   36.251 -1.164 -0.651 3.328 7.295   
-1.550  36.540 5  AA_DA5DA6:DT19DT20_BB   A 5  ? B 20 ? A 6  ? B 19 ? 
1 A DA 6  1_555 B DT 7  1_555 A DT 7  1_555 B DA 6  1_555 0.071  -0.694 3.310 -0.036 -0.972  30.263 -1.129 -0.143 3.330 -1.862  
0.069   30.278 6  AA_DA6DT7:DA18DT19_BB   A 6  ? B 19 ? A 7  ? B 18 ? 
1 A DT 7  1_555 B DA 6  1_555 A DT 8  1_555 B DA 5  1_555 -0.403 -0.318 3.358 2.138  1.985   35.334 -0.819 0.981  3.306 3.263   
-3.514  35.450 7  AA_DT7DT8:DA17DA18_BB   A 7  ? B 18 ? A 8  ? B 17 ? 
1 A DT 8  1_555 B DA 5  1_555 A DC 9  1_555 B DG 4  1_555 -0.056 0.299  3.250 2.778  -1.163  40.960 0.552  0.379  3.230 -1.660  
-3.964  41.066 8  AA_DT8DC9:DG16DA17_BB   A 8  ? B 17 ? A 9  ? B 16 ? 
1 A DC 9  1_555 B DG 4  1_555 A DG 10 1_555 B DC 3  1_555 0.519  1.263  3.106 -3.283 8.490   27.803 0.662  -1.741 3.260 17.098  
6.611   29.227 9  AA_DC9DG10:DC15DG16_BB  A 9  ? B 16 ? A 10 ? B 15 ? 
1 A DG 10 1_555 B DC 3  1_555 A DC 11 1_555 B DG 2  1_555 -1.144 0.910  3.700 -7.512 -15.515 42.214 2.712  0.737  3.334 -20.546 
9.948   45.448 10 AA_DG10DC11:DG14DC15_BB A 10 ? B 15 ? A 11 ? B 14 ? 
1 A DC 11 1_555 B DG 2  1_555 A DG 12 1_555 B DC 1  1_555 1.702  0.670  3.360 6.979  -12.714 34.305 2.824  -1.697 3.198 -20.459 
-11.230 37.160 11 AA_DC11DG12:DC13DG14_BB A 11 ? B 14 ? A 12 ? B 13 ? 
# 
loop_
_pdbx_entity_nonpoly.entity_id 
_pdbx_entity_nonpoly.name 
_pdbx_entity_nonpoly.comp_id 
2 'MAGNESIUM ION'                                          MG  
3 "2-(4'-AMIDINOBIPHENYL-4-YL)-1H-BENZIMIDAZOLE-5-AMIDINE" D2A 
4 water                                                    HOH 
# 
_pdbx_initial_refinement_model.id               1 
_pdbx_initial_refinement_model.entity_id_list   ? 
_pdbx_initial_refinement_model.type             'experimental model' 
_pdbx_initial_refinement_model.source_name      PDB 
_pdbx_initial_refinement_model.accession_code   2DBE 
_pdbx_initial_refinement_model.details          'DNA PART OF NDB ENTRY GDL009 OR PDB ENTRY 2DBE' 
# 
